data_4WV3
#
_entry.id   4WV3
#
_cell.length_a   50.054
_cell.length_b   132.219
_cell.length_c   160.118
_cell.angle_alpha   90.00
_cell.angle_beta   90.00
_cell.angle_gamma   90.00
#
_symmetry.space_group_name_H-M   'P 21 21 21'
#
loop_
_entity.id
_entity.type
_entity.pdbx_description
1 polymer 'Anthranilate-CoA ligase'
2 non-polymer "5'-O-[(S)-[(2-aminobenzoyl)oxy](hydroxy)phosphoryl]adenosine"
3 water water
#
_entity_poly.entity_id   1
_entity_poly.type   'polypeptide(L)'
_entity_poly.pdbx_seq_one_letter_code
;MKASDLPLYYNAVDILERNLPVRANKTALFTPDREMTFRQVSNEANQVGNALKGLGVRFGECVGLLTLDSAEWVTSFFGI
VKLGAIAVGINTLLKPPEYEYILRDCRARVLIVHQEFLPLIESIRGNLPMLEHIVVIGEGPQEGYLSFNDWIRPQPTTLE
AAQSHREDICSLNYSSGTTGGPKGIPHAHKDYPLTAQLWGVNVLGLRESDRTFALAKLFFTFGTGGNLIFPWYVGASCVL
FPGAARVASNVLSTISRFKPTIFYNAPTGYAAALALKDFSQHDLSSLRLCVSASEALPAALWYAWKEATGVDIIDGIGCT
ENFHIFISNRPGDIRPGSSGKPVEGYELKLVDDEGKTVPAGEIGNVLLRSETAALSYWHNFEKSRQTFQGEWLATGDKYF
VDADGYYWHAGRSDDMLKVGGIWVSPVEVESTLIQHPAVQECAVIGCPDQSRLIKPKAFIILKPEQIPSEALIRQITDHC
TEKMAAYKRPRWIEFVTELPKTATGKIQRFKLRSAAKLAAALEHHHHHH
;
_entity_poly.pdbx_strand_id   A,B
#
# COMPACT_ATOMS: atom_id res chain seq x y z
N MET A 1 6.71 -37.47 0.99
CA MET A 1 7.40 -38.45 0.18
C MET A 1 8.81 -38.72 0.69
N LYS A 2 9.46 -39.72 0.12
CA LYS A 2 10.82 -40.09 0.51
C LYS A 2 11.78 -39.85 -0.64
N ALA A 3 13.07 -39.90 -0.36
CA ALA A 3 14.08 -39.80 -1.41
C ALA A 3 14.04 -41.05 -2.26
N SER A 4 13.64 -42.17 -1.64
CA SER A 4 13.55 -43.45 -2.35
C SER A 4 12.42 -43.46 -3.37
N ASP A 5 11.48 -42.53 -3.24
CA ASP A 5 10.40 -42.40 -4.21
C ASP A 5 10.90 -41.77 -5.50
N LEU A 6 12.01 -41.05 -5.41
CA LEU A 6 12.63 -40.43 -6.58
C LEU A 6 13.45 -41.45 -7.34
N PRO A 7 13.65 -41.21 -8.65
CA PRO A 7 14.59 -42.06 -9.40
C PRO A 7 16.01 -41.81 -8.90
N LEU A 8 16.85 -42.84 -8.94
CA LEU A 8 18.23 -42.73 -8.45
C LEU A 8 18.97 -41.62 -9.17
N TYR A 9 18.71 -41.48 -10.47
CA TYR A 9 19.26 -40.39 -11.25
C TYR A 9 18.17 -39.35 -11.53
N TYR A 10 18.28 -38.20 -10.90
CA TYR A 10 17.28 -37.15 -11.00
C TYR A 10 17.91 -35.79 -11.22
N ASN A 11 17.26 -34.97 -12.03
CA ASN A 11 17.71 -33.60 -12.25
C ASN A 11 16.60 -32.62 -11.86
N ALA A 12 16.97 -31.58 -11.13
CA ALA A 12 16.00 -30.62 -10.61
C ALA A 12 15.34 -29.77 -11.69
N VAL A 13 15.81 -29.90 -12.93
CA VAL A 13 15.19 -29.20 -14.05
C VAL A 13 13.80 -29.81 -14.32
N ASP A 14 13.56 -30.98 -13.74
CA ASP A 14 12.26 -31.63 -13.86
C ASP A 14 11.17 -30.81 -13.18
N ILE A 15 11.56 -30.00 -12.20
CA ILE A 15 10.65 -29.08 -11.52
C ILE A 15 9.93 -28.22 -12.56
N LEU A 16 10.68 -27.79 -13.57
CA LEU A 16 10.13 -27.05 -14.69
C LEU A 16 9.57 -27.99 -15.75
N GLU A 17 10.31 -29.05 -16.05
CA GLU A 17 10.00 -29.91 -17.18
C GLU A 17 8.91 -30.97 -16.93
N ARG A 18 8.40 -31.03 -15.71
CA ARG A 18 7.28 -31.92 -15.42
C ARG A 18 5.97 -31.28 -15.87
N ASN A 19 6.06 -30.04 -16.33
CA ASN A 19 4.91 -29.30 -16.83
C ASN A 19 4.81 -29.37 -18.35
N LEU A 20 5.91 -29.72 -18.99
CA LEU A 20 5.94 -29.84 -20.45
C LEU A 20 5.53 -31.25 -20.86
N PRO A 21 4.79 -31.36 -21.98
CA PRO A 21 4.37 -30.24 -22.82
C PRO A 21 2.95 -29.75 -22.53
N VAL A 22 2.31 -30.30 -21.51
CA VAL A 22 0.88 -30.01 -21.27
C VAL A 22 0.60 -28.54 -20.96
N ARG A 23 1.46 -27.90 -20.17
CA ARG A 23 1.28 -26.49 -19.84
C ARG A 23 2.28 -25.61 -20.57
N ALA A 24 2.59 -25.98 -21.80
CA ALA A 24 3.57 -25.25 -22.60
C ALA A 24 3.16 -23.80 -22.85
N ASN A 25 1.85 -23.56 -22.96
CA ASN A 25 1.35 -22.23 -23.29
C ASN A 25 0.78 -21.44 -22.11
N LYS A 26 0.84 -22.02 -20.91
CA LYS A 26 0.44 -21.29 -19.72
C LYS A 26 1.57 -20.37 -19.26
N THR A 27 1.24 -19.13 -18.95
CA THR A 27 2.23 -18.16 -18.48
C THR A 27 2.80 -18.63 -17.14
N ALA A 28 4.12 -18.83 -17.10
CA ALA A 28 4.78 -19.37 -15.92
C ALA A 28 5.24 -18.28 -14.95
N LEU A 29 5.90 -17.26 -15.47
CA LEU A 29 6.39 -16.16 -14.63
C LEU A 29 5.87 -14.79 -15.07
N PHE A 30 5.54 -13.96 -14.09
CA PHE A 30 5.09 -12.61 -14.34
C PHE A 30 6.08 -11.58 -13.79
N THR A 31 6.62 -10.75 -14.68
CA THR A 31 7.48 -9.64 -14.29
C THR A 31 6.98 -8.37 -14.96
N PRO A 32 7.27 -7.20 -14.37
CA PRO A 32 6.85 -5.92 -14.96
C PRO A 32 7.37 -5.72 -16.38
N ASP A 33 8.49 -6.34 -16.72
CA ASP A 33 9.11 -6.14 -18.03
C ASP A 33 8.80 -7.29 -18.99
N ARG A 34 8.41 -8.43 -18.45
CA ARG A 34 8.34 -9.65 -19.28
C ARG A 34 7.39 -10.70 -18.71
N GLU A 35 6.73 -11.42 -19.61
CA GLU A 35 5.91 -12.57 -19.24
C GLU A 35 6.32 -13.76 -20.08
N MET A 36 6.53 -14.90 -19.44
CA MET A 36 6.96 -16.10 -20.15
C MET A 36 6.07 -17.29 -19.87
N THR A 37 5.91 -18.15 -20.88
CA THR A 37 5.21 -19.41 -20.70
C THR A 37 6.22 -20.47 -20.30
N PHE A 38 5.72 -21.64 -19.89
CA PHE A 38 6.60 -22.73 -19.49
C PHE A 38 7.50 -23.18 -20.63
N ARG A 39 6.96 -23.14 -21.85
CA ARG A 39 7.73 -23.51 -23.03
C ARG A 39 8.84 -22.50 -23.30
N GLN A 40 8.52 -21.22 -23.17
CA GLN A 40 9.49 -20.15 -23.39
C GLN A 40 10.61 -20.18 -22.36
N VAL A 41 10.26 -20.46 -21.11
CA VAL A 41 11.24 -20.60 -20.04
C VAL A 41 12.16 -21.78 -20.32
N SER A 42 11.57 -22.89 -20.75
CA SER A 42 12.33 -24.10 -21.05
C SER A 42 13.27 -23.88 -22.24
N ASN A 43 12.77 -23.18 -23.26
CA ASN A 43 13.58 -22.89 -24.44
C ASN A 43 14.78 -22.01 -24.11
N GLU A 44 14.54 -20.95 -23.35
CA GLU A 44 15.60 -20.02 -22.98
C GLU A 44 16.61 -20.67 -22.05
N ALA A 45 16.12 -21.54 -21.17
CA ALA A 45 16.99 -22.27 -20.25
C ALA A 45 17.91 -23.22 -21.01
N ASN A 46 17.36 -23.87 -22.05
CA ASN A 46 18.14 -24.76 -22.88
C ASN A 46 19.20 -24.00 -23.68
N GLN A 47 18.89 -22.76 -24.02
CA GLN A 47 19.84 -21.89 -24.70
C GLN A 47 20.96 -21.50 -23.74
N VAL A 48 20.59 -21.22 -22.50
CA VAL A 48 21.55 -20.89 -21.45
C VAL A 48 22.49 -22.07 -21.20
N GLY A 49 21.90 -23.27 -21.07
CA GLY A 49 22.67 -24.49 -20.88
C GLY A 49 23.66 -24.74 -22.01
N ASN A 50 23.18 -24.57 -23.24
CA ASN A 50 24.04 -24.71 -24.41
C ASN A 50 25.12 -23.63 -24.47
N ALA A 51 24.75 -22.41 -24.10
CA ALA A 51 25.68 -21.29 -24.14
C ALA A 51 26.78 -21.45 -23.09
N LEU A 52 26.44 -22.06 -21.96
CA LEU A 52 27.41 -22.33 -20.91
C LEU A 52 28.42 -23.38 -21.35
N LYS A 53 27.98 -24.32 -22.17
CA LYS A 53 28.88 -25.34 -22.73
C LYS A 53 29.92 -24.69 -23.62
N GLY A 54 29.51 -23.63 -24.33
CA GLY A 54 30.42 -22.88 -25.17
C GLY A 54 31.47 -22.16 -24.35
N LEU A 55 31.13 -21.85 -23.10
CA LEU A 55 32.06 -21.22 -22.19
C LEU A 55 32.86 -22.26 -21.41
N GLY A 56 32.61 -23.53 -21.72
CA GLY A 56 33.37 -24.63 -21.14
C GLY A 56 32.87 -25.11 -19.78
N VAL A 57 31.66 -24.69 -19.41
CA VAL A 57 31.09 -25.10 -18.13
C VAL A 57 30.78 -26.59 -18.13
N ARG A 58 31.16 -27.27 -17.06
CA ARG A 58 30.96 -28.72 -16.96
C ARG A 58 30.13 -29.10 -15.75
N PHE A 59 29.78 -30.38 -15.69
CA PHE A 59 29.06 -30.97 -14.56
C PHE A 59 29.85 -30.76 -13.27
N GLY A 60 29.18 -30.23 -12.24
CA GLY A 60 29.80 -30.07 -10.94
C GLY A 60 30.52 -28.75 -10.75
N GLU A 61 30.47 -27.89 -11.75
CA GLU A 61 31.11 -26.58 -11.67
C GLU A 61 30.12 -25.50 -11.22
N CYS A 62 30.62 -24.54 -10.45
CA CYS A 62 29.77 -23.47 -9.93
C CYS A 62 29.63 -22.32 -10.93
N VAL A 63 28.40 -21.88 -11.15
CA VAL A 63 28.14 -20.73 -12.01
C VAL A 63 27.53 -19.60 -11.18
N GLY A 64 28.11 -18.42 -11.27
CA GLY A 64 27.65 -17.27 -10.51
C GLY A 64 26.39 -16.65 -11.09
N LEU A 65 25.39 -16.44 -10.24
CA LEU A 65 24.14 -15.80 -10.66
C LEU A 65 23.82 -14.63 -9.75
N LEU A 66 24.18 -13.42 -10.19
CA LEU A 66 23.97 -12.22 -9.40
C LEU A 66 23.14 -11.19 -10.17
N THR A 67 21.81 -11.32 -10.08
CA THR A 67 20.92 -10.38 -10.74
C THR A 67 19.59 -10.25 -10.02
N LEU A 68 18.78 -9.28 -10.45
CA LEU A 68 17.50 -9.00 -9.82
C LEU A 68 16.50 -10.14 -10.06
N ASP A 69 15.48 -10.19 -9.22
CA ASP A 69 14.38 -11.14 -9.43
C ASP A 69 13.81 -10.81 -10.80
N SER A 70 13.95 -11.74 -11.73
CA SER A 70 13.60 -11.49 -13.12
C SER A 70 13.47 -12.79 -13.90
N ALA A 71 13.05 -12.67 -15.16
CA ALA A 71 12.96 -13.81 -16.05
C ALA A 71 14.35 -14.38 -16.32
N GLU A 72 15.33 -13.50 -16.42
CA GLU A 72 16.71 -13.90 -16.70
C GLU A 72 17.33 -14.67 -15.54
N TRP A 73 16.86 -14.39 -14.33
CA TRP A 73 17.33 -15.11 -13.16
C TRP A 73 16.89 -16.57 -13.25
N VAL A 74 15.62 -16.77 -13.55
CA VAL A 74 15.03 -18.11 -13.59
C VAL A 74 15.61 -18.97 -14.72
N THR A 75 15.66 -18.41 -15.92
CA THR A 75 16.18 -19.14 -17.07
C THR A 75 17.65 -19.49 -16.90
N SER A 76 18.41 -18.61 -16.25
CA SER A 76 19.80 -18.88 -15.96
C SER A 76 19.91 -20.02 -14.96
N PHE A 77 19.07 -19.98 -13.92
CA PHE A 77 19.07 -21.00 -12.88
C PHE A 77 18.83 -22.39 -13.43
N PHE A 78 17.75 -22.55 -14.19
CA PHE A 78 17.40 -23.85 -14.75
C PHE A 78 18.33 -24.25 -15.90
N GLY A 79 18.97 -23.27 -16.51
CA GLY A 79 19.97 -23.53 -17.52
C GLY A 79 21.20 -24.16 -16.91
N ILE A 80 21.58 -23.66 -15.74
CA ILE A 80 22.73 -24.18 -15.00
C ILE A 80 22.45 -25.56 -14.43
N VAL A 81 21.29 -25.71 -13.79
CA VAL A 81 20.91 -26.96 -13.15
C VAL A 81 20.79 -28.12 -14.14
N LYS A 82 20.15 -27.86 -15.28
CA LYS A 82 19.96 -28.88 -16.30
C LYS A 82 21.29 -29.37 -16.86
N LEU A 83 22.28 -28.49 -16.87
CA LEU A 83 23.59 -28.82 -17.41
C LEU A 83 24.39 -29.67 -16.43
N GLY A 84 23.91 -29.74 -15.18
CA GLY A 84 24.60 -30.48 -14.14
C GLY A 84 25.57 -29.60 -13.39
N ALA A 85 25.59 -28.32 -13.75
CA ALA A 85 26.46 -27.35 -13.09
C ALA A 85 25.78 -26.85 -11.81
N ILE A 86 26.56 -26.19 -10.95
CA ILE A 86 26.06 -25.74 -9.66
C ILE A 86 25.69 -24.27 -9.68
N ALA A 87 24.40 -23.98 -9.55
CA ALA A 87 23.91 -22.61 -9.53
C ALA A 87 24.23 -21.93 -8.20
N VAL A 88 24.83 -20.75 -8.27
CA VAL A 88 25.16 -19.98 -7.07
C VAL A 88 24.37 -18.69 -7.01
N GLY A 89 23.23 -18.72 -6.32
CA GLY A 89 22.38 -17.56 -6.17
C GLY A 89 22.94 -16.60 -5.13
N ILE A 90 23.42 -15.44 -5.58
CA ILE A 90 24.13 -14.52 -4.71
C ILE A 90 23.27 -13.34 -4.27
N ASN A 91 23.44 -12.93 -3.02
CA ASN A 91 22.76 -11.78 -2.45
C ASN A 91 23.02 -10.51 -3.28
N THR A 92 21.95 -9.78 -3.56
CA THR A 92 22.02 -8.61 -4.44
C THR A 92 22.55 -7.36 -3.72
N LEU A 93 22.36 -7.30 -2.41
CA LEU A 93 22.82 -6.15 -1.63
C LEU A 93 24.17 -6.19 -0.92
N LEU A 94 25.11 -6.97 -1.43
CA LEU A 94 26.45 -7.03 -0.85
C LEU A 94 27.54 -6.07 -1.29
N LYS A 95 28.67 -6.11 -0.60
CA LYS A 95 29.83 -5.28 -0.90
C LYS A 95 30.79 -6.04 -1.82
N PRO A 96 31.60 -5.31 -2.59
CA PRO A 96 32.62 -5.93 -3.46
C PRO A 96 33.56 -6.93 -2.77
N PRO A 97 34.00 -6.68 -1.53
CA PRO A 97 34.81 -7.74 -0.90
C PRO A 97 34.00 -9.00 -0.63
N GLU A 98 32.73 -8.83 -0.30
CA GLU A 98 31.85 -9.96 -0.03
C GLU A 98 31.62 -10.79 -1.29
N TYR A 99 31.54 -10.11 -2.42
CA TYR A 99 31.39 -10.78 -3.71
C TYR A 99 32.69 -11.48 -4.10
N GLU A 100 33.81 -10.90 -3.70
CA GLU A 100 35.12 -11.46 -4.01
C GLU A 100 35.34 -12.78 -3.28
N TYR A 101 34.91 -12.84 -2.03
CA TYR A 101 35.02 -14.05 -1.24
C TYR A 101 34.19 -15.18 -1.85
N ILE A 102 32.94 -14.88 -2.17
CA ILE A 102 32.02 -15.88 -2.72
C ILE A 102 32.52 -16.48 -4.03
N LEU A 103 32.86 -15.62 -4.98
CA LEU A 103 33.30 -16.07 -6.30
C LEU A 103 34.59 -16.87 -6.27
N ARG A 104 35.47 -16.54 -5.33
CA ARG A 104 36.73 -17.25 -5.18
C ARG A 104 36.51 -18.58 -4.48
N ASP A 105 35.57 -18.59 -3.53
CA ASP A 105 35.31 -19.78 -2.72
C ASP A 105 34.65 -20.89 -3.52
N CYS A 106 33.90 -20.52 -4.55
CA CYS A 106 33.21 -21.52 -5.38
C CYS A 106 33.91 -21.71 -6.72
N ARG A 107 35.02 -21.01 -6.92
CA ARG A 107 35.83 -21.11 -8.14
C ARG A 107 35.02 -20.89 -9.42
N ALA A 108 34.12 -19.93 -9.38
CA ALA A 108 33.24 -19.66 -10.52
C ALA A 108 34.01 -19.21 -11.76
N ARG A 109 33.89 -20.00 -12.83
CA ARG A 109 34.51 -19.65 -14.09
C ARG A 109 33.67 -18.66 -14.87
N VAL A 110 32.34 -18.76 -14.70
CA VAL A 110 31.41 -17.89 -15.40
C VAL A 110 30.49 -17.17 -14.42
N LEU A 111 30.29 -15.87 -14.63
CA LEU A 111 29.38 -15.09 -13.82
C LEU A 111 28.28 -14.45 -14.65
N ILE A 112 27.03 -14.66 -14.25
CA ILE A 112 25.90 -13.99 -14.87
C ILE A 112 25.43 -12.87 -13.96
N VAL A 113 25.67 -11.63 -14.37
CA VAL A 113 25.42 -10.49 -13.51
C VAL A 113 24.59 -9.41 -14.22
N HIS A 114 23.78 -8.69 -13.46
CA HIS A 114 23.05 -7.55 -13.99
C HIS A 114 23.99 -6.36 -14.12
N GLN A 115 23.66 -5.42 -15.00
CA GLN A 115 24.54 -4.30 -15.28
C GLN A 115 24.76 -3.35 -14.10
N GLU A 116 23.80 -3.30 -13.18
CA GLU A 116 23.88 -2.36 -12.07
C GLU A 116 24.79 -2.88 -10.96
N PHE A 117 25.21 -4.13 -11.07
CA PHE A 117 26.14 -4.74 -10.12
C PHE A 117 27.49 -4.94 -10.78
N LEU A 118 27.54 -4.68 -12.09
CA LEU A 118 28.76 -4.83 -12.89
C LEU A 118 30.01 -4.10 -12.35
N PRO A 119 29.86 -2.84 -11.90
CA PRO A 119 31.07 -2.20 -11.38
C PRO A 119 31.51 -2.76 -10.03
N LEU A 120 30.57 -3.39 -9.32
CA LEU A 120 30.86 -4.00 -8.02
C LEU A 120 31.71 -5.26 -8.17
N ILE A 121 31.76 -5.78 -9.40
CA ILE A 121 32.56 -6.97 -9.72
C ILE A 121 33.81 -6.53 -10.50
N GLU A 122 33.67 -5.42 -11.22
CA GLU A 122 34.76 -4.88 -12.03
C GLU A 122 35.98 -4.50 -11.19
N SER A 123 35.74 -4.10 -9.94
CA SER A 123 36.80 -3.65 -9.06
C SER A 123 37.45 -4.80 -8.28
N ILE A 124 36.92 -6.01 -8.45
CA ILE A 124 37.47 -7.19 -7.80
C ILE A 124 37.86 -8.23 -8.84
N ARG A 125 37.82 -7.83 -10.10
CA ARG A 125 38.08 -8.72 -11.23
C ARG A 125 39.46 -9.36 -11.17
N GLY A 126 40.48 -8.55 -10.85
CA GLY A 126 41.85 -9.02 -10.79
C GLY A 126 42.08 -10.09 -9.74
N ASN A 127 41.30 -10.04 -8.66
CA ASN A 127 41.44 -10.99 -7.57
C ASN A 127 40.67 -12.29 -7.79
N LEU A 128 40.20 -12.49 -9.02
CA LEU A 128 39.46 -13.70 -9.37
C LEU A 128 40.11 -14.39 -10.56
N PRO A 129 41.13 -15.22 -10.30
CA PRO A 129 41.93 -15.87 -11.33
C PRO A 129 41.14 -16.92 -12.12
N MET A 130 40.10 -17.47 -11.53
CA MET A 130 39.30 -18.50 -12.18
C MET A 130 38.17 -17.93 -13.04
N LEU A 131 37.74 -16.72 -12.70
CA LEU A 131 36.65 -16.07 -13.44
C LEU A 131 37.09 -15.69 -14.85
N GLU A 132 36.56 -16.38 -15.85
CA GLU A 132 36.93 -16.13 -17.23
C GLU A 132 35.89 -15.32 -18.00
N HIS A 133 34.63 -15.72 -17.89
CA HIS A 133 33.57 -15.09 -18.68
C HIS A 133 32.50 -14.43 -17.81
N ILE A 134 32.24 -13.15 -18.08
CA ILE A 134 31.19 -12.43 -17.40
C ILE A 134 30.06 -12.07 -18.36
N VAL A 135 28.90 -12.69 -18.16
CA VAL A 135 27.73 -12.40 -18.98
C VAL A 135 26.84 -11.37 -18.30
N VAL A 136 26.52 -10.30 -19.02
CA VAL A 136 25.81 -9.17 -18.43
C VAL A 136 24.35 -9.08 -18.87
N ILE A 137 23.45 -8.98 -17.89
CA ILE A 137 22.03 -8.79 -18.16
C ILE A 137 21.69 -7.31 -18.10
N GLY A 138 21.05 -6.80 -19.15
CA GLY A 138 20.67 -5.41 -19.24
C GLY A 138 20.97 -4.79 -20.59
N GLY A 144 32.75 -5.05 -24.23
CA GLY A 144 33.76 -5.65 -23.38
C GLY A 144 33.28 -6.91 -22.69
N TYR A 145 31.98 -7.11 -22.71
CA TYR A 145 31.38 -8.29 -22.08
C TYR A 145 30.37 -8.95 -22.99
N LEU A 146 29.99 -10.18 -22.64
CA LEU A 146 28.92 -10.88 -23.33
C LEU A 146 27.58 -10.40 -22.79
N SER A 147 26.73 -9.89 -23.66
CA SER A 147 25.38 -9.50 -23.28
C SER A 147 24.48 -10.73 -23.31
N PHE A 148 23.55 -10.80 -22.37
CA PHE A 148 22.72 -12.00 -22.18
C PHE A 148 21.98 -12.44 -23.44
N ASN A 149 21.24 -11.52 -24.06
CA ASN A 149 20.47 -11.84 -25.25
C ASN A 149 21.31 -12.29 -26.44
N ASP A 150 22.43 -11.61 -26.67
CA ASP A 150 23.33 -11.96 -27.75
C ASP A 150 24.03 -13.28 -27.48
N TRP A 151 24.14 -13.61 -26.19
CA TRP A 151 24.84 -14.81 -25.74
C TRP A 151 24.02 -16.07 -25.96
N ILE A 152 22.70 -15.96 -25.82
CA ILE A 152 21.81 -17.11 -25.94
C ILE A 152 21.16 -17.20 -27.33
N ARG A 153 21.32 -16.15 -28.13
CA ARG A 153 20.68 -16.07 -29.43
C ARG A 153 21.04 -17.21 -30.42
N PRO A 154 22.34 -17.46 -30.66
CA PRO A 154 22.64 -18.50 -31.64
C PRO A 154 22.42 -19.91 -31.12
N GLN A 155 22.27 -20.05 -29.80
CA GLN A 155 22.12 -21.37 -29.19
C GLN A 155 20.75 -21.98 -29.46
N PRO A 156 20.72 -23.29 -29.77
CA PRO A 156 19.48 -24.02 -30.02
C PRO A 156 18.62 -24.12 -28.77
N THR A 157 17.32 -24.36 -28.95
CA THR A 157 16.39 -24.41 -27.82
C THR A 157 16.22 -25.83 -27.29
N THR A 158 17.03 -26.75 -27.80
CA THR A 158 17.00 -28.13 -27.31
C THR A 158 18.26 -28.46 -26.52
N LEU A 159 18.10 -29.28 -25.49
CA LEU A 159 19.21 -29.66 -24.63
C LEU A 159 18.87 -30.94 -23.87
N GLU A 160 19.86 -31.82 -23.72
CA GLU A 160 19.69 -33.03 -22.94
C GLU A 160 20.12 -32.79 -21.49
N ALA A 161 19.27 -33.19 -20.55
CA ALA A 161 19.58 -33.05 -19.13
C ALA A 161 20.75 -33.95 -18.75
N ALA A 162 21.62 -33.45 -17.88
CA ALA A 162 22.79 -34.20 -17.46
C ALA A 162 22.39 -35.41 -16.61
N GLN A 163 23.16 -36.49 -16.74
CA GLN A 163 22.90 -37.71 -15.99
C GLN A 163 23.32 -37.54 -14.53
N SER A 164 22.64 -36.65 -13.83
CA SER A 164 22.99 -36.33 -12.45
C SER A 164 22.34 -37.29 -11.46
N HIS A 165 23.11 -37.72 -10.48
CA HIS A 165 22.57 -38.50 -9.37
C HIS A 165 21.65 -37.57 -8.60
N ARG A 166 20.62 -38.11 -7.97
CA ARG A 166 19.68 -37.28 -7.22
C ARG A 166 20.35 -36.66 -5.99
N GLU A 167 21.51 -37.19 -5.62
CA GLU A 167 22.26 -36.68 -4.48
C GLU A 167 23.37 -35.73 -4.89
N ASP A 168 23.54 -35.54 -6.20
CA ASP A 168 24.54 -34.60 -6.71
C ASP A 168 24.12 -33.16 -6.42
N ILE A 169 25.10 -32.31 -6.13
CA ILE A 169 24.84 -30.91 -5.84
C ILE A 169 24.40 -30.15 -7.08
N CYS A 170 23.34 -29.36 -6.95
CA CYS A 170 22.84 -28.56 -8.06
C CYS A 170 22.79 -27.07 -7.74
N SER A 171 22.96 -26.73 -6.47
CA SER A 171 22.94 -25.33 -6.05
C SER A 171 23.81 -25.06 -4.83
N LEU A 172 24.23 -23.81 -4.70
CA LEU A 172 25.05 -23.38 -3.57
C LEU A 172 24.60 -22.00 -3.09
N ASN A 173 24.03 -21.96 -1.88
CA ASN A 173 23.54 -20.72 -1.32
C ASN A 173 24.39 -20.22 -0.17
N TYR A 174 24.85 -18.98 -0.27
CA TYR A 174 25.69 -18.38 0.77
C TYR A 174 24.86 -17.62 1.79
N SER A 175 24.63 -18.26 2.93
CA SER A 175 23.86 -17.67 4.02
C SER A 175 24.72 -16.74 4.86
N SER A 176 24.28 -15.50 5.00
CA SER A 176 25.02 -14.51 5.80
C SER A 176 25.15 -14.95 7.25
N GLY A 177 26.36 -14.87 7.78
CA GLY A 177 26.63 -15.29 9.14
C GLY A 177 26.78 -14.13 10.12
N THR A 178 27.34 -14.43 11.29
CA THR A 178 27.53 -13.43 12.33
C THR A 178 28.68 -12.48 12.00
N GLY A 180 32.11 -12.83 10.33
CA GLY A 180 31.60 -14.02 9.70
C GLY A 180 32.69 -14.83 9.02
N GLY A 181 32.57 -15.00 7.70
CA GLY A 181 31.47 -14.42 6.96
C GLY A 181 30.37 -15.44 6.67
N PRO A 182 29.93 -15.50 5.41
CA PRO A 182 28.84 -16.38 5.00
C PRO A 182 29.31 -17.82 4.80
N LYS A 183 28.42 -18.77 5.09
CA LYS A 183 28.71 -20.19 4.88
C LYS A 183 28.04 -20.66 3.60
N GLY A 184 28.78 -21.42 2.79
CA GLY A 184 28.22 -21.99 1.58
C GLY A 184 27.40 -23.22 1.89
N ILE A 185 26.15 -23.22 1.43
CA ILE A 185 25.24 -24.34 1.69
C ILE A 185 24.82 -25.02 0.39
N PRO A 186 25.37 -26.21 0.11
CA PRO A 186 25.06 -26.97 -1.09
C PRO A 186 23.83 -27.87 -0.91
N HIS A 187 22.96 -27.89 -1.90
CA HIS A 187 21.79 -28.77 -1.89
C HIS A 187 21.76 -29.65 -3.13
N ALA A 188 21.24 -30.87 -2.96
CA ALA A 188 21.18 -31.83 -4.05
C ALA A 188 19.90 -31.67 -4.86
N HIS A 189 19.86 -32.31 -6.03
CA HIS A 189 18.70 -32.26 -6.90
C HIS A 189 17.45 -32.76 -6.17
N LYS A 190 17.62 -33.78 -5.33
CA LYS A 190 16.49 -34.39 -4.63
C LYS A 190 15.77 -33.44 -3.69
N ASP A 191 16.49 -32.46 -3.17
CA ASP A 191 15.95 -31.55 -2.16
C ASP A 191 14.82 -30.68 -2.70
N TYR A 192 14.83 -30.42 -4.00
CA TYR A 192 13.85 -29.53 -4.61
C TYR A 192 12.43 -30.12 -4.73
N PRO A 193 12.27 -31.32 -5.32
CA PRO A 193 10.91 -31.86 -5.33
C PRO A 193 10.47 -32.32 -3.94
N LEU A 194 11.42 -32.66 -3.09
CA LEU A 194 11.12 -33.10 -1.73
C LEU A 194 10.52 -31.99 -0.88
N THR A 195 11.18 -30.82 -0.87
CA THR A 195 10.64 -29.68 -0.13
C THR A 195 9.35 -29.18 -0.76
N ALA A 196 9.25 -29.30 -2.08
CA ALA A 196 8.06 -28.87 -2.80
C ALA A 196 6.86 -29.73 -2.43
N GLN A 197 7.11 -31.00 -2.14
CA GLN A 197 6.05 -31.92 -1.78
C GLN A 197 5.75 -31.85 -0.28
N LEU A 198 6.79 -31.96 0.53
CA LEU A 198 6.65 -32.04 1.98
C LEU A 198 5.97 -30.81 2.61
N TRP A 199 6.30 -29.63 2.10
CA TRP A 199 5.69 -28.41 2.64
C TRP A 199 4.77 -27.71 1.63
N GLY A 200 5.28 -27.51 0.41
CA GLY A 200 4.55 -26.80 -0.62
C GLY A 200 3.17 -27.37 -0.90
N VAL A 201 3.09 -28.69 -0.98
CA VAL A 201 1.84 -29.37 -1.28
C VAL A 201 1.14 -29.87 -0.01
N ASN A 202 1.86 -30.66 0.79
CA ASN A 202 1.27 -31.31 1.96
C ASN A 202 0.85 -30.35 3.06
N VAL A 203 1.49 -29.17 3.14
CA VAL A 203 1.20 -28.24 4.22
C VAL A 203 0.53 -26.96 3.73
N LEU A 204 1.18 -26.26 2.81
CA LEU A 204 0.64 -25.02 2.27
C LEU A 204 -0.57 -25.29 1.40
N GLY A 205 -0.51 -26.36 0.62
CA GLY A 205 -1.61 -26.74 -0.24
C GLY A 205 -1.59 -26.04 -1.58
N LEU A 206 -0.39 -25.84 -2.12
CA LEU A 206 -0.24 -25.23 -3.44
C LEU A 206 -0.87 -26.09 -4.52
N ARG A 207 -1.58 -25.43 -5.44
CA ARG A 207 -2.23 -26.14 -6.54
C ARG A 207 -2.00 -25.42 -7.87
N GLU A 208 -2.43 -26.03 -8.96
CA GLU A 208 -2.17 -25.52 -10.30
C GLU A 208 -2.83 -24.17 -10.57
N SER A 209 -3.96 -23.92 -9.90
CA SER A 209 -4.70 -22.67 -10.10
C SER A 209 -4.08 -21.50 -9.32
N ASP A 210 -3.12 -21.81 -8.47
CA ASP A 210 -2.49 -20.78 -7.64
C ASP A 210 -1.50 -19.90 -8.42
N ARG A 211 -1.17 -18.76 -7.82
CA ARG A 211 -0.15 -17.87 -8.35
C ARG A 211 0.62 -17.24 -7.19
N THR A 212 1.91 -17.54 -7.12
CA THR A 212 2.72 -17.10 -5.99
C THR A 212 3.39 -15.74 -6.22
N PHE A 213 3.64 -15.04 -5.12
CA PHE A 213 4.40 -13.80 -5.15
C PHE A 213 5.13 -13.61 -3.82
N ALA A 214 6.45 -13.65 -3.87
CA ALA A 214 7.26 -13.49 -2.67
C ALA A 214 8.08 -12.21 -2.73
N LEU A 215 8.06 -11.44 -1.65
CA LEU A 215 8.93 -10.29 -1.53
C LEU A 215 10.35 -10.78 -1.34
N ALA A 216 10.48 -11.97 -0.76
CA ALA A 216 11.77 -12.62 -0.61
C ALA A 216 12.39 -12.91 -1.97
N LYS A 217 13.68 -12.62 -2.10
CA LYS A 217 14.37 -12.75 -3.38
C LYS A 217 14.71 -14.20 -3.70
N LEU A 218 15.16 -14.44 -4.92
CA LEU A 218 15.42 -15.79 -5.41
C LEU A 218 16.75 -16.38 -4.91
N PHE A 219 17.61 -15.55 -4.33
CA PHE A 219 18.83 -16.06 -3.71
C PHE A 219 18.54 -16.55 -2.30
N PHE A 220 17.41 -16.11 -1.74
CA PHE A 220 16.92 -16.58 -0.46
C PHE A 220 16.04 -17.80 -0.72
N THR A 221 16.41 -18.94 -0.14
CA THR A 221 15.69 -20.19 -0.40
C THR A 221 14.24 -20.15 0.04
N PHE A 222 13.91 -19.22 0.93
CA PHE A 222 12.52 -18.98 1.31
C PHE A 222 11.74 -18.51 0.09
N GLY A 223 12.37 -17.66 -0.71
CA GLY A 223 11.77 -17.19 -1.95
C GLY A 223 11.98 -18.15 -3.09
N THR A 224 13.15 -18.79 -3.12
CA THR A 224 13.49 -19.74 -4.18
C THR A 224 12.46 -20.86 -4.27
N GLY A 225 12.13 -21.46 -3.14
CA GLY A 225 11.14 -22.50 -3.09
C GLY A 225 9.74 -21.95 -3.26
N GLY A 226 9.34 -21.06 -2.37
CA GLY A 226 7.99 -20.54 -2.33
C GLY A 226 7.52 -19.80 -3.58
N ASN A 227 8.43 -19.16 -4.30
CA ASN A 227 8.06 -18.34 -5.44
C ASN A 227 8.61 -18.84 -6.78
N LEU A 228 8.98 -20.11 -6.83
CA LEU A 228 9.51 -20.69 -8.05
C LEU A 228 9.43 -22.21 -8.07
N ILE A 229 10.23 -22.84 -7.22
CA ILE A 229 10.31 -24.30 -7.17
C ILE A 229 8.98 -24.93 -6.77
N PHE A 230 8.37 -24.41 -5.71
CA PHE A 230 7.11 -24.97 -5.21
C PHE A 230 5.92 -24.78 -6.17
N PRO A 231 5.69 -23.55 -6.67
CA PRO A 231 4.53 -23.40 -7.56
C PRO A 231 4.69 -24.13 -8.90
N TRP A 232 5.89 -24.13 -9.45
CA TRP A 232 6.13 -24.80 -10.74
C TRP A 232 6.07 -26.32 -10.61
N TYR A 233 6.25 -26.80 -9.39
CA TYR A 233 6.16 -28.23 -9.12
C TYR A 233 4.74 -28.74 -9.32
N VAL A 234 3.76 -27.86 -9.15
CA VAL A 234 2.36 -28.23 -9.32
C VAL A 234 1.71 -27.55 -10.52
N GLY A 235 2.49 -26.74 -11.23
CA GLY A 235 2.00 -26.08 -12.43
C GLY A 235 1.49 -24.68 -12.21
N ALA A 236 1.63 -24.18 -10.98
CA ALA A 236 1.21 -22.83 -10.66
C ALA A 236 2.17 -21.79 -11.23
N SER A 237 1.71 -20.55 -11.34
CA SER A 237 2.54 -19.46 -11.86
C SER A 237 3.15 -18.67 -10.71
N CYS A 238 4.13 -17.82 -11.04
CA CYS A 238 4.79 -17.00 -10.04
C CYS A 238 5.00 -15.56 -10.50
N VAL A 239 5.14 -14.66 -9.54
CA VAL A 239 5.35 -13.23 -9.83
C VAL A 239 6.67 -12.76 -9.24
N LEU A 240 7.49 -12.13 -10.07
CA LEU A 240 8.83 -11.69 -9.66
C LEU A 240 8.94 -10.17 -9.59
N PHE A 241 9.37 -9.67 -8.43
CA PHE A 241 9.51 -8.24 -8.20
C PHE A 241 10.99 -7.83 -8.14
N PRO A 242 11.48 -7.15 -9.18
CA PRO A 242 12.90 -6.78 -9.30
C PRO A 242 13.27 -5.55 -8.48
N GLY A 243 12.28 -4.73 -8.15
CA GLY A 243 12.54 -3.47 -7.46
C GLY A 243 12.99 -3.63 -6.02
N ALA A 244 13.26 -2.49 -5.38
CA ALA A 244 13.68 -2.49 -3.98
C ALA A 244 12.54 -2.93 -3.07
N ALA A 245 12.86 -3.84 -2.16
CA ALA A 245 11.84 -4.40 -1.25
C ALA A 245 11.39 -3.39 -0.19
N ARG A 246 12.20 -2.36 0.02
CA ARG A 246 11.94 -1.38 1.07
C ARG A 246 10.66 -0.56 0.84
N VAL A 247 10.25 -0.45 -0.43
CA VAL A 247 9.04 0.29 -0.76
C VAL A 247 7.82 -0.62 -0.68
N ALA A 248 7.14 -0.59 0.46
CA ALA A 248 6.01 -1.48 0.71
C ALA A 248 4.81 -1.20 -0.18
N SER A 249 4.69 0.05 -0.62
CA SER A 249 3.57 0.45 -1.46
C SER A 249 3.61 -0.22 -2.83
N ASN A 250 4.81 -0.31 -3.41
CA ASN A 250 4.99 -0.96 -4.71
C ASN A 250 4.73 -2.45 -4.63
N VAL A 251 4.99 -3.04 -3.46
CA VAL A 251 4.75 -4.46 -3.25
C VAL A 251 3.25 -4.74 -3.30
N LEU A 252 2.46 -3.90 -2.62
CA LEU A 252 1.02 -4.06 -2.59
C LEU A 252 0.39 -3.81 -3.96
N SER A 253 1.04 -2.96 -4.75
CA SER A 253 0.55 -2.64 -6.08
C SER A 253 0.81 -3.80 -7.03
N THR A 254 1.92 -4.49 -6.82
CA THR A 254 2.24 -5.69 -7.60
C THR A 254 1.18 -6.76 -7.36
N ILE A 255 0.74 -6.86 -6.11
CA ILE A 255 -0.35 -7.76 -5.74
C ILE A 255 -1.63 -7.40 -6.48
N SER A 256 -1.88 -6.09 -6.62
CA SER A 256 -3.07 -5.62 -7.31
C SER A 256 -3.00 -5.89 -8.82
N ARG A 257 -1.85 -5.61 -9.40
CA ARG A 257 -1.68 -5.74 -10.85
C ARG A 257 -1.68 -7.19 -11.33
N PHE A 258 -0.80 -8.01 -10.75
CA PHE A 258 -0.61 -9.37 -11.23
C PHE A 258 -1.53 -10.39 -10.55
N LYS A 259 -2.20 -9.95 -9.49
CA LYS A 259 -3.22 -10.77 -8.81
C LYS A 259 -2.74 -12.16 -8.40
N PRO A 260 -1.74 -12.25 -7.51
CA PRO A 260 -1.32 -13.57 -7.03
C PRO A 260 -2.28 -14.08 -5.95
N THR A 261 -2.26 -15.39 -5.71
CA THR A 261 -3.14 -15.97 -4.70
C THR A 261 -2.39 -16.29 -3.43
N ILE A 262 -1.06 -16.37 -3.53
CA ILE A 262 -0.21 -16.65 -2.38
C ILE A 262 0.84 -15.57 -2.24
N PHE A 263 1.02 -15.06 -1.02
CA PHE A 263 1.97 -13.98 -0.77
C PHE A 263 2.95 -14.35 0.34
N TYR A 264 4.25 -14.27 0.01
CA TYR A 264 5.29 -14.55 0.99
C TYR A 264 5.98 -13.26 1.42
N ASN A 265 6.29 -13.17 2.71
CA ASN A 265 6.99 -12.00 3.25
C ASN A 265 7.55 -12.29 4.63
N ALA A 266 8.28 -11.33 5.18
CA ALA A 266 8.80 -11.42 6.54
C ALA A 266 7.98 -10.50 7.44
N PRO A 267 7.95 -10.78 8.75
CA PRO A 267 7.22 -9.95 9.71
C PRO A 267 7.56 -8.46 9.59
N THR A 268 8.81 -8.15 9.27
CA THR A 268 9.23 -6.76 9.08
C THR A 268 8.58 -6.16 7.85
N GLY A 269 8.24 -7.01 6.89
CA GLY A 269 7.59 -6.57 5.66
C GLY A 269 6.10 -6.39 5.87
N TYR A 270 5.49 -7.30 6.63
CA TYR A 270 4.07 -7.20 6.97
C TYR A 270 3.81 -5.97 7.83
N ALA A 271 4.75 -5.67 8.72
CA ALA A 271 4.62 -4.51 9.60
C ALA A 271 4.76 -3.21 8.83
N ALA A 272 5.68 -3.18 7.88
CA ALA A 272 5.90 -2.01 7.04
C ALA A 272 4.68 -1.72 6.16
N ALA A 273 4.03 -2.78 5.69
CA ALA A 273 2.85 -2.63 4.85
C ALA A 273 1.67 -2.08 5.64
N LEU A 274 1.47 -2.61 6.85
CA LEU A 274 0.38 -2.16 7.71
C LEU A 274 0.64 -0.77 8.28
N ALA A 275 1.89 -0.33 8.25
CA ALA A 275 2.25 1.00 8.72
C ALA A 275 1.79 2.07 7.74
N LEU A 276 1.55 1.67 6.50
CA LEU A 276 1.06 2.58 5.47
C LEU A 276 -0.32 3.12 5.84
N LYS A 277 -0.48 4.43 5.74
CA LYS A 277 -1.74 5.07 6.07
C LYS A 277 -2.84 4.70 5.06
N ASP A 278 -2.41 4.30 3.87
CA ASP A 278 -3.33 3.92 2.81
C ASP A 278 -3.16 2.46 2.41
N PHE A 279 -3.03 1.60 3.41
CA PHE A 279 -2.82 0.17 3.18
C PHE A 279 -4.00 -0.46 2.44
N SER A 280 -5.21 -0.12 2.87
CA SER A 280 -6.42 -0.74 2.35
C SER A 280 -6.79 -0.24 0.94
N GLN A 281 -6.07 0.78 0.47
CA GLN A 281 -6.34 1.35 -0.84
C GLN A 281 -5.90 0.44 -1.99
N HIS A 282 -5.14 -0.59 -1.65
CA HIS A 282 -4.69 -1.56 -2.64
C HIS A 282 -5.59 -2.79 -2.64
N ASP A 283 -5.92 -3.30 -3.81
CA ASP A 283 -6.77 -4.47 -3.93
C ASP A 283 -5.97 -5.76 -3.69
N LEU A 284 -6.24 -6.42 -2.57
CA LEU A 284 -5.55 -7.64 -2.20
C LEU A 284 -6.50 -8.83 -2.19
N SER A 285 -7.56 -8.75 -2.98
CA SER A 285 -8.62 -9.75 -2.97
C SER A 285 -8.21 -11.08 -3.60
N SER A 286 -7.21 -11.06 -4.48
CA SER A 286 -6.76 -12.28 -5.15
C SER A 286 -6.08 -13.22 -4.16
N LEU A 287 -5.54 -12.66 -3.08
CA LEU A 287 -4.87 -13.43 -2.04
C LEU A 287 -5.84 -14.38 -1.35
N ARG A 288 -5.46 -15.64 -1.23
CA ARG A 288 -6.24 -16.61 -0.47
C ARG A 288 -5.45 -17.06 0.75
N LEU A 289 -4.13 -16.93 0.65
CA LEU A 289 -3.23 -17.29 1.74
C LEU A 289 -1.97 -16.44 1.73
N CYS A 290 -1.42 -16.18 2.92
CA CYS A 290 -0.15 -15.49 3.04
C CYS A 290 0.81 -16.33 3.86
N VAL A 291 2.10 -16.17 3.60
CA VAL A 291 3.13 -16.94 4.30
C VAL A 291 4.17 -16.00 4.91
N SER A 292 4.56 -16.29 6.14
CA SER A 292 5.59 -15.50 6.83
C SER A 292 6.71 -16.39 7.35
N ALA A 293 7.94 -15.91 7.25
CA ALA A 293 9.11 -16.65 7.74
C ALA A 293 10.30 -15.71 7.78
N SER A 294 11.46 -16.25 8.13
CA SER A 294 12.67 -15.45 8.29
C SER A 294 12.87 -15.20 9.77
N GLU A 295 11.84 -14.62 10.39
CA GLU A 295 11.79 -14.46 11.83
C GLU A 295 10.37 -14.72 12.33
N ALA A 296 10.23 -14.93 13.64
CA ALA A 296 8.93 -15.25 14.23
C ALA A 296 7.91 -14.14 14.00
N LEU A 297 6.74 -14.52 13.48
CA LEU A 297 5.66 -13.57 13.25
C LEU A 297 4.86 -13.33 14.53
N PRO A 298 4.90 -12.09 15.04
CA PRO A 298 4.17 -11.72 16.27
C PRO A 298 2.67 -11.93 16.10
N ALA A 299 2.00 -12.33 17.17
CA ALA A 299 0.56 -12.57 17.13
C ALA A 299 -0.20 -11.29 16.79
N ALA A 300 0.33 -10.16 17.26
CA ALA A 300 -0.28 -8.85 17.00
C ALA A 300 -0.30 -8.53 15.52
N LEU A 301 0.73 -8.96 14.81
CA LEU A 301 0.81 -8.75 13.36
C LEU A 301 -0.12 -9.69 12.61
N TRP A 302 -0.28 -10.91 13.13
CA TRP A 302 -1.16 -11.89 12.51
C TRP A 302 -2.60 -11.40 12.54
N TYR A 303 -3.01 -10.84 13.68
CA TYR A 303 -4.36 -10.33 13.83
C TYR A 303 -4.57 -9.04 13.03
N ALA A 304 -3.57 -8.17 13.04
CA ALA A 304 -3.66 -6.90 12.33
C ALA A 304 -3.81 -7.11 10.83
N TRP A 305 -3.17 -8.15 10.32
CA TRP A 305 -3.29 -8.49 8.91
C TRP A 305 -4.60 -9.20 8.63
N LYS A 306 -5.02 -10.03 9.58
CA LYS A 306 -6.26 -10.79 9.45
C LYS A 306 -7.49 -9.87 9.50
N GLU A 307 -7.36 -8.82 10.25
CA GLU A 307 -8.40 -7.88 10.49
C GLU A 307 -8.49 -6.84 9.36
N ALA A 308 -7.43 -6.68 8.61
CA ALA A 308 -7.34 -5.70 7.53
C ALA A 308 -7.52 -6.34 6.16
N THR A 309 -7.26 -7.65 6.08
CA THR A 309 -7.31 -8.34 4.80
C THR A 309 -8.31 -9.49 4.81
N GLY A 310 -8.47 -10.12 5.97
CA GLY A 310 -9.33 -11.28 6.09
C GLY A 310 -8.58 -12.54 5.74
N VAL A 311 -7.32 -12.37 5.33
CA VAL A 311 -6.48 -13.47 4.90
C VAL A 311 -5.59 -13.98 6.03
N ASP A 312 -5.60 -15.28 6.25
CA ASP A 312 -4.73 -15.91 7.24
C ASP A 312 -3.29 -15.89 6.76
N ILE A 313 -2.36 -15.69 7.70
CA ILE A 313 -0.94 -15.80 7.39
C ILE A 313 -0.37 -17.09 7.93
N ILE A 314 0.29 -17.86 7.06
CA ILE A 314 0.91 -19.11 7.48
C ILE A 314 2.36 -18.87 7.89
N ASP A 315 2.61 -18.91 9.20
CA ASP A 315 3.97 -18.76 9.71
C ASP A 315 4.65 -20.11 9.86
N GLY A 316 5.86 -20.22 9.32
CA GLY A 316 6.61 -21.45 9.42
C GLY A 316 8.11 -21.18 9.41
N ILE A 317 8.85 -21.93 10.23
CA ILE A 317 10.29 -21.76 10.29
C ILE A 317 11.04 -22.67 9.33
N GLY A 318 11.94 -22.08 8.56
CA GLY A 318 12.81 -22.84 7.68
C GLY A 318 14.23 -22.31 7.78
N CYS A 319 15.17 -23.04 7.19
CA CYS A 319 16.55 -22.59 7.15
C CYS A 319 17.17 -23.02 5.83
N THR A 320 18.26 -22.36 5.46
CA THR A 320 18.92 -22.65 4.18
C THR A 320 19.54 -24.04 4.20
N GLU A 321 19.95 -24.50 5.38
CA GLU A 321 20.52 -25.83 5.54
C GLU A 321 19.49 -26.92 5.21
N ASN A 322 18.22 -26.62 5.44
CA ASN A 322 17.14 -27.54 5.14
C ASN A 322 16.41 -27.15 3.86
N PHE A 323 16.86 -26.06 3.25
CA PHE A 323 16.24 -25.55 2.03
C PHE A 323 14.98 -24.74 2.35
N HIS A 324 14.03 -25.37 3.04
CA HIS A 324 12.78 -24.71 3.40
C HIS A 324 12.16 -25.12 4.73
N ILE A 325 10.90 -24.77 4.91
CA ILE A 325 10.21 -24.89 6.20
C ILE A 325 10.09 -26.32 6.73
N PHE A 326 10.38 -26.50 8.02
CA PHE A 326 10.28 -27.80 8.67
C PHE A 326 9.27 -27.82 9.81
N ILE A 327 8.90 -26.64 10.30
CA ILE A 327 7.80 -26.50 11.25
C ILE A 327 6.88 -25.38 10.77
N SER A 328 5.62 -25.69 10.54
CA SER A 328 4.71 -24.70 9.97
C SER A 328 3.29 -24.77 10.52
N ASN A 329 2.55 -23.69 10.34
CA ASN A 329 1.12 -23.68 10.58
C ASN A 329 0.41 -24.20 9.32
N ARG A 330 -0.90 -24.37 9.42
CA ARG A 330 -1.68 -24.91 8.31
C ARG A 330 -2.97 -24.13 8.15
N PRO A 331 -3.51 -24.09 6.92
CA PRO A 331 -4.78 -23.40 6.65
C PRO A 331 -5.89 -23.79 7.62
N GLY A 332 -5.89 -25.04 8.06
CA GLY A 332 -6.89 -25.51 9.00
C GLY A 332 -6.47 -25.41 10.46
N ASP A 333 -5.17 -25.20 10.69
CA ASP A 333 -4.66 -25.15 12.06
C ASP A 333 -3.63 -24.03 12.23
N ILE A 334 -4.05 -22.94 12.85
CA ILE A 334 -3.17 -21.79 13.08
C ILE A 334 -3.19 -21.35 14.53
N ARG A 335 -2.00 -21.25 15.14
CA ARG A 335 -1.88 -20.60 16.43
C ARG A 335 -0.98 -19.38 16.28
N PRO A 336 -1.59 -18.18 16.29
CA PRO A 336 -0.90 -16.90 16.08
C PRO A 336 0.28 -16.69 17.03
N GLY A 337 1.46 -16.47 16.46
CA GLY A 337 2.66 -16.23 17.25
C GLY A 337 3.56 -17.44 17.32
N SER A 338 3.04 -18.61 16.95
CA SER A 338 3.81 -19.85 17.02
C SER A 338 4.27 -20.30 15.64
N SER A 339 5.19 -21.26 15.64
CA SER A 339 5.69 -21.83 14.39
C SER A 339 4.85 -23.01 13.94
N GLY A 340 3.77 -23.28 14.69
CA GLY A 340 2.83 -24.32 14.32
C GLY A 340 3.21 -25.72 14.77
N LYS A 341 2.97 -26.69 13.90
CA LYS A 341 3.18 -28.09 14.21
C LYS A 341 4.27 -28.68 13.32
N PRO A 342 4.88 -29.80 13.74
CA PRO A 342 5.90 -30.48 12.92
C PRO A 342 5.35 -30.89 11.56
N VAL A 343 6.17 -30.71 10.52
CA VAL A 343 5.78 -31.11 9.17
C VAL A 343 6.07 -32.59 8.95
N GLU A 344 5.08 -33.32 8.45
CA GLU A 344 5.22 -34.75 8.21
C GLU A 344 6.35 -35.04 7.22
N GLY A 345 7.29 -35.88 7.65
CA GLY A 345 8.48 -36.16 6.87
C GLY A 345 9.70 -35.57 7.56
N TYR A 346 9.45 -34.57 8.39
CA TYR A 346 10.48 -33.95 9.20
C TYR A 346 10.29 -34.33 10.66
N GLU A 347 11.36 -34.78 11.31
CA GLU A 347 11.29 -35.22 12.69
C GLU A 347 12.02 -34.23 13.60
N LEU A 348 11.37 -33.82 14.69
CA LEU A 348 11.90 -32.79 15.57
C LEU A 348 12.36 -33.35 16.91
N LYS A 349 13.21 -32.60 17.57
CA LYS A 349 13.76 -32.95 18.86
C LYS A 349 14.20 -31.70 19.62
N LEU A 350 13.86 -31.56 20.89
CA LEU A 350 14.37 -30.46 21.70
C LEU A 350 15.28 -30.97 22.81
N VAL A 351 16.55 -30.53 22.78
CA VAL A 351 17.54 -31.01 23.72
C VAL A 351 18.21 -29.88 24.50
N ASP A 352 18.75 -30.20 25.66
CA ASP A 352 19.51 -29.23 26.44
C ASP A 352 20.88 -29.00 25.82
N ASP A 353 21.71 -28.21 26.50
CA ASP A 353 23.02 -27.88 25.97
C ASP A 353 24.04 -29.01 26.11
N GLU A 354 23.57 -30.18 26.53
CA GLU A 354 24.41 -31.37 26.60
C GLU A 354 23.82 -32.54 25.81
N GLY A 355 22.67 -32.29 25.18
CA GLY A 355 22.11 -33.25 24.24
C GLY A 355 20.92 -34.06 24.72
N LYS A 356 20.51 -33.85 25.97
CA LYS A 356 19.38 -34.61 26.52
C LYS A 356 18.05 -33.94 26.27
N THR A 357 17.05 -34.73 25.86
CA THR A 357 15.72 -34.23 25.58
C THR A 357 15.11 -33.55 26.81
N VAL A 358 14.79 -32.27 26.66
CA VAL A 358 14.21 -31.48 27.74
C VAL A 358 12.80 -31.96 28.07
N PRO A 359 12.33 -31.69 29.31
CA PRO A 359 10.93 -31.95 29.65
C PRO A 359 9.99 -31.06 28.84
N ALA A 360 8.76 -31.50 28.68
CA ALA A 360 7.77 -30.76 27.89
C ALA A 360 7.49 -29.36 28.44
N GLY A 361 7.52 -28.37 27.57
CA GLY A 361 7.25 -27.00 27.96
C GLY A 361 8.49 -26.16 28.19
N GLU A 362 9.62 -26.84 28.38
CA GLU A 362 10.89 -26.15 28.64
C GLU A 362 11.65 -25.81 27.36
N ILE A 363 12.47 -24.77 27.44
CA ILE A 363 13.26 -24.31 26.31
C ILE A 363 14.41 -25.27 26.02
N GLY A 364 14.51 -25.70 24.77
CA GLY A 364 15.58 -26.59 24.36
C GLY A 364 16.11 -26.24 22.98
N ASN A 365 17.24 -26.84 22.62
CA ASN A 365 17.82 -26.63 21.30
C ASN A 365 17.12 -27.47 20.24
N VAL A 366 16.94 -26.89 19.06
CA VAL A 366 16.22 -27.57 17.98
C VAL A 366 17.11 -28.51 17.18
N LEU A 367 16.74 -29.79 17.16
CA LEU A 367 17.40 -30.76 16.29
C LEU A 367 16.42 -31.25 15.23
N LEU A 368 16.79 -31.08 13.97
CA LEU A 368 15.92 -31.43 12.85
C LEU A 368 16.39 -32.68 12.12
N ARG A 369 15.47 -33.60 11.88
CA ARG A 369 15.75 -34.80 11.10
C ARG A 369 15.08 -34.68 9.75
N SER A 370 15.88 -34.62 8.69
CA SER A 370 15.37 -34.31 7.36
C SER A 370 16.13 -35.02 6.24
N GLU A 371 15.43 -35.32 5.15
CA GLU A 371 16.07 -35.85 3.96
C GLU A 371 16.38 -34.73 2.97
N THR A 372 16.01 -33.51 3.33
CA THR A 372 16.25 -32.35 2.48
C THR A 372 17.39 -31.50 3.03
N ALA A 373 17.93 -31.91 4.18
CA ALA A 373 19.02 -31.19 4.82
C ALA A 373 20.33 -31.41 4.06
N ALA A 374 21.18 -30.40 4.05
CA ALA A 374 22.48 -30.50 3.41
C ALA A 374 23.36 -31.49 4.16
N LEU A 375 24.38 -32.01 3.48
CA LEU A 375 25.27 -33.00 4.09
C LEU A 375 26.37 -32.32 4.89
N SER A 376 26.81 -31.16 4.42
CA SER A 376 27.79 -30.35 5.11
C SER A 376 27.86 -28.97 4.46
N TYR A 377 28.58 -28.05 5.09
CA TYR A 377 28.79 -26.73 4.50
C TYR A 377 29.85 -26.82 3.41
N TRP A 378 29.99 -25.75 2.64
CA TRP A 378 31.06 -25.65 1.66
C TRP A 378 32.22 -24.84 2.22
N HIS A 379 33.37 -25.49 2.33
CA HIS A 379 34.59 -24.88 2.86
C HIS A 379 34.44 -24.39 4.29
N ASN A 380 33.78 -25.19 5.13
CA ASN A 380 33.73 -24.91 6.56
C ASN A 380 33.68 -26.21 7.36
N PHE A 381 34.81 -26.92 7.38
CA PHE A 381 34.94 -28.23 8.02
C PHE A 381 34.47 -28.22 9.47
N GLU A 382 34.94 -27.24 10.24
CA GLU A 382 34.65 -27.18 11.67
C GLU A 382 33.15 -26.95 11.95
N LYS A 383 32.55 -26.02 11.23
CA LYS A 383 31.15 -25.66 11.46
C LYS A 383 30.18 -26.71 10.93
N SER A 384 30.62 -27.49 9.96
CA SER A 384 29.80 -28.57 9.42
C SER A 384 29.59 -29.64 10.48
N ARG A 385 30.66 -29.98 11.19
CA ARG A 385 30.61 -31.01 12.22
C ARG A 385 29.97 -30.50 13.50
N GLN A 386 29.79 -29.19 13.59
CA GLN A 386 29.09 -28.59 14.72
C GLN A 386 27.60 -28.50 14.44
N THR A 387 27.23 -28.45 13.17
CA THR A 387 25.85 -28.24 12.76
C THR A 387 25.17 -29.53 12.32
N PHE A 388 25.79 -30.23 11.39
CA PHE A 388 25.21 -31.46 10.85
C PHE A 388 25.59 -32.66 11.71
N GLN A 389 24.79 -32.93 12.74
CA GLN A 389 25.09 -33.99 13.69
C GLN A 389 24.41 -35.30 13.31
N GLY A 390 24.92 -35.95 12.27
CA GLY A 390 24.39 -37.21 11.80
C GLY A 390 23.03 -37.03 11.15
N GLU A 391 22.02 -37.72 11.68
CA GLU A 391 20.66 -37.61 11.17
C GLU A 391 19.96 -36.36 11.69
N TRP A 392 20.60 -35.67 12.63
CA TRP A 392 20.01 -34.50 13.25
C TRP A 392 20.71 -33.20 12.85
N LEU A 393 19.90 -32.20 12.53
CA LEU A 393 20.42 -30.89 12.12
C LEU A 393 20.20 -29.85 13.20
N ALA A 394 21.29 -29.23 13.65
CA ALA A 394 21.20 -28.15 14.63
C ALA A 394 21.00 -26.81 13.92
N THR A 395 19.88 -26.15 14.21
CA THR A 395 19.54 -24.89 13.55
C THR A 395 20.05 -23.69 14.33
N GLY A 396 20.41 -23.91 15.59
CA GLY A 396 20.87 -22.84 16.46
C GLY A 396 19.72 -22.05 17.05
N ASP A 397 18.55 -22.69 17.13
CA ASP A 397 17.35 -22.04 17.64
C ASP A 397 16.92 -22.61 18.98
N LYS A 398 16.33 -21.75 19.81
CA LYS A 398 15.71 -22.19 21.06
C LYS A 398 14.20 -22.20 20.89
N TYR A 399 13.58 -23.33 21.24
CA TYR A 399 12.14 -23.51 21.11
C TYR A 399 11.55 -24.15 22.36
N PHE A 400 10.25 -23.95 22.54
CA PHE A 400 9.50 -24.70 23.55
C PHE A 400 8.14 -25.07 23.00
N VAL A 401 7.54 -26.11 23.56
CA VAL A 401 6.27 -26.63 23.05
C VAL A 401 5.10 -26.33 23.98
N ASP A 402 3.99 -25.91 23.39
CA ASP A 402 2.75 -25.66 24.13
C ASP A 402 2.24 -26.92 24.83
N ALA A 403 1.22 -26.74 25.65
CA ALA A 403 0.52 -27.88 26.25
C ALA A 403 -0.40 -28.49 25.19
N ASP A 404 -0.61 -27.76 24.10
CA ASP A 404 -1.42 -28.24 22.99
C ASP A 404 -0.55 -28.74 21.84
N GLY A 405 0.76 -28.66 22.01
CA GLY A 405 1.70 -29.19 21.03
C GLY A 405 2.22 -28.19 20.02
N TYR A 406 2.09 -26.90 20.34
CA TYR A 406 2.54 -25.85 19.43
C TYR A 406 3.95 -25.36 19.74
N TYR A 407 4.75 -25.17 18.70
CA TYR A 407 6.15 -24.74 18.86
C TYR A 407 6.29 -23.23 18.85
N TRP A 408 6.93 -22.70 19.90
CA TRP A 408 7.16 -21.26 20.01
C TRP A 408 8.64 -20.93 19.98
N HIS A 409 9.01 -20.00 19.11
CA HIS A 409 10.40 -19.60 18.95
C HIS A 409 10.84 -18.69 20.09
N ALA A 410 11.76 -19.18 20.91
CA ALA A 410 12.32 -18.38 21.99
C ALA A 410 13.32 -17.38 21.41
N GLY A 411 13.90 -17.74 20.28
CA GLY A 411 14.87 -16.90 19.61
C GLY A 411 16.12 -17.68 19.25
N ARG A 412 17.03 -17.04 18.53
CA ARG A 412 18.33 -17.63 18.26
C ARG A 412 19.01 -17.89 19.59
N SER A 413 19.84 -18.94 19.64
CA SER A 413 20.55 -19.28 20.87
C SER A 413 21.49 -18.14 21.28
N ASP A 414 22.00 -17.41 20.29
CA ASP A 414 22.86 -16.27 20.55
C ASP A 414 22.08 -15.04 21.00
N ASP A 415 20.81 -14.97 20.60
CA ASP A 415 19.98 -13.81 20.92
C ASP A 415 19.31 -13.93 22.28
N MET A 416 19.42 -15.10 22.90
CA MET A 416 18.88 -15.30 24.24
C MET A 416 19.71 -14.52 25.25
N LEU A 417 19.03 -13.85 26.18
CA LEU A 417 19.71 -13.10 27.23
C LEU A 417 19.43 -13.69 28.61
N LYS A 418 20.45 -13.70 29.46
CA LYS A 418 20.34 -14.26 30.80
C LYS A 418 20.26 -13.15 31.85
N VAL A 419 19.09 -12.99 32.46
CA VAL A 419 18.89 -11.97 33.48
C VAL A 419 18.62 -12.59 34.84
N GLY A 420 19.62 -12.53 35.71
CA GLY A 420 19.50 -13.08 37.05
C GLY A 420 19.48 -14.60 37.05
N GLY A 421 20.19 -15.20 36.11
CA GLY A 421 20.25 -16.65 36.00
C GLY A 421 19.15 -17.21 35.11
N ILE A 422 18.05 -16.47 35.01
CA ILE A 422 16.90 -16.91 34.22
C ILE A 422 17.04 -16.45 32.77
N TRP A 423 16.76 -17.34 31.83
CA TRP A 423 16.85 -17.02 30.42
C TRP A 423 15.68 -16.15 29.96
N VAL A 424 16.00 -15.07 29.25
CA VAL A 424 14.98 -14.16 28.75
C VAL A 424 14.89 -14.24 27.23
N SER A 425 13.70 -14.58 26.73
CA SER A 425 13.47 -14.66 25.30
C SER A 425 13.23 -13.28 24.70
N PRO A 426 14.06 -12.89 23.73
CA PRO A 426 13.85 -11.61 23.03
C PRO A 426 12.57 -11.63 22.22
N VAL A 427 12.24 -12.78 21.64
CA VAL A 427 11.04 -12.91 20.81
C VAL A 427 9.78 -12.60 21.60
N GLU A 428 9.69 -13.13 22.83
CA GLU A 428 8.54 -12.89 23.68
C GLU A 428 8.41 -11.41 24.04
N VAL A 429 9.53 -10.79 24.40
CA VAL A 429 9.54 -9.39 24.78
C VAL A 429 9.19 -8.50 23.58
N GLU A 430 9.80 -8.79 22.43
CA GLU A 430 9.51 -8.05 21.21
C GLU A 430 8.06 -8.21 20.78
N SER A 431 7.51 -9.41 20.99
CA SER A 431 6.13 -9.70 20.63
C SER A 431 5.16 -8.91 21.50
N THR A 432 5.57 -8.65 22.73
CA THR A 432 4.76 -7.88 23.67
C THR A 432 4.81 -6.39 23.32
N LEU A 433 6.00 -5.90 23.00
CA LEU A 433 6.19 -4.50 22.65
C LEU A 433 5.41 -4.11 21.40
N ILE A 434 5.34 -5.01 20.44
CA ILE A 434 4.70 -4.72 19.17
C ILE A 434 3.18 -4.67 19.29
N GLN A 435 2.66 -5.13 20.42
CA GLN A 435 1.22 -5.05 20.69
C GLN A 435 0.77 -3.60 20.80
N HIS A 436 1.65 -2.73 21.29
CA HIS A 436 1.34 -1.31 21.37
C HIS A 436 1.25 -0.73 19.96
N PRO A 437 0.14 -0.02 19.68
CA PRO A 437 -0.20 0.45 18.32
C PRO A 437 0.78 1.48 17.75
N ALA A 438 1.66 2.03 18.58
CA ALA A 438 2.61 3.04 18.12
C ALA A 438 3.91 2.40 17.64
N VAL A 439 4.11 1.13 17.98
CA VAL A 439 5.32 0.42 17.61
C VAL A 439 5.16 -0.31 16.27
N GLN A 440 6.03 0.01 15.33
CA GLN A 440 6.02 -0.67 14.03
C GLN A 440 6.77 -2.00 14.13
N GLU A 441 7.97 -1.94 14.70
CA GLU A 441 8.77 -3.13 14.97
C GLU A 441 9.83 -2.79 16.01
N CYS A 442 10.49 -3.82 16.55
CA CYS A 442 11.48 -3.60 17.60
C CYS A 442 12.47 -4.76 17.73
N ALA A 443 13.44 -4.58 18.62
CA ALA A 443 14.46 -5.59 18.88
C ALA A 443 14.95 -5.50 20.32
N VAL A 444 15.14 -6.66 20.96
CA VAL A 444 15.56 -6.70 22.35
C VAL A 444 16.86 -7.48 22.51
N ILE A 445 17.86 -6.84 23.11
CA ILE A 445 19.15 -7.47 23.35
C ILE A 445 19.52 -7.40 24.83
N GLY A 446 20.60 -8.08 25.20
CA GLY A 446 21.13 -8.01 26.54
C GLY A 446 22.18 -6.94 26.66
N CYS A 447 22.18 -6.20 27.76
CA CYS A 447 23.09 -5.08 27.94
C CYS A 447 23.43 -4.86 29.42
N PRO A 448 24.73 -4.73 29.73
CA PRO A 448 25.23 -4.51 31.09
C PRO A 448 24.74 -3.19 31.68
N ASP A 449 24.39 -3.23 32.95
CA ASP A 449 23.75 -2.13 33.64
C ASP A 449 24.60 -1.27 34.53
N GLN A 450 25.85 -1.15 34.18
CA GLN A 450 26.82 -0.34 34.94
C GLN A 450 27.10 -1.02 36.28
N SER A 451 26.47 -2.17 36.52
CA SER A 451 26.86 -3.07 37.59
C SER A 451 27.24 -4.31 36.81
N ARG A 452 27.16 -4.19 35.49
CA ARG A 452 27.50 -5.25 34.54
C ARG A 452 26.61 -6.49 34.69
N LEU A 453 25.38 -6.26 35.14
CA LEU A 453 24.35 -7.29 35.13
C LEU A 453 23.51 -7.10 33.86
N ILE A 454 23.48 -8.12 33.01
CA ILE A 454 22.78 -8.03 31.74
C ILE A 454 21.28 -7.78 31.94
N LYS A 455 20.80 -6.73 31.31
CA LYS A 455 19.39 -6.34 31.38
C LYS A 455 18.86 -6.12 29.97
N PRO A 456 17.56 -6.37 29.77
CA PRO A 456 16.95 -6.19 28.44
C PRO A 456 16.92 -4.74 28.00
N LYS A 457 17.37 -4.48 26.77
CA LYS A 457 17.24 -3.16 26.17
C LYS A 457 16.46 -3.26 24.88
N ALA A 458 15.46 -2.40 24.72
CA ALA A 458 14.58 -2.45 23.56
C ALA A 458 14.84 -1.29 22.59
N PHE A 459 15.19 -1.64 21.36
CA PHE A 459 15.31 -0.64 20.28
C PHE A 459 14.02 -0.63 19.48
N ILE A 460 13.29 0.47 19.57
CA ILE A 460 11.95 0.55 19.01
C ILE A 460 11.82 1.51 17.84
N ILE A 461 11.26 1.02 16.74
CA ILE A 461 10.90 1.86 15.60
C ILE A 461 9.42 2.18 15.68
N LEU A 462 9.09 3.46 15.74
CA LEU A 462 7.70 3.88 15.86
C LEU A 462 7.00 3.96 14.51
N LYS A 463 5.68 4.02 14.52
CA LYS A 463 4.88 4.21 13.32
C LYS A 463 5.30 5.51 12.64
N PRO A 464 5.20 5.57 11.30
CA PRO A 464 5.63 6.74 10.51
C PRO A 464 5.15 8.08 11.07
N GLU A 465 6.05 9.06 11.09
CA GLU A 465 5.78 10.43 11.54
C GLU A 465 5.52 10.57 13.04
N GLN A 466 5.60 9.48 13.79
CA GLN A 466 5.39 9.53 15.23
C GLN A 466 6.70 9.69 15.99
N ILE A 467 6.72 10.63 16.93
CA ILE A 467 7.90 10.88 17.76
C ILE A 467 7.61 10.52 19.21
N PRO A 468 8.65 10.11 19.96
CA PRO A 468 8.48 9.75 21.37
C PRO A 468 7.91 10.89 22.22
N SER A 469 7.28 10.53 23.33
CA SER A 469 6.76 11.50 24.27
C SER A 469 6.83 10.94 25.68
N GLU A 470 6.59 11.79 26.67
CA GLU A 470 6.63 11.39 28.07
C GLU A 470 5.54 10.35 28.36
N ALA A 471 4.42 10.48 27.66
CA ALA A 471 3.30 9.56 27.81
C ALA A 471 3.59 8.22 27.15
N LEU A 472 4.17 8.26 25.96
CA LEU A 472 4.45 7.06 25.17
C LEU A 472 5.38 6.10 25.92
N ILE A 473 6.45 6.63 26.49
CA ILE A 473 7.38 5.84 27.27
C ILE A 473 6.66 5.20 28.45
N ARG A 474 5.79 5.97 29.09
CA ARG A 474 5.02 5.50 30.22
C ARG A 474 4.04 4.41 29.81
N GLN A 475 3.40 4.59 28.65
CA GLN A 475 2.46 3.61 28.13
C GLN A 475 3.14 2.28 27.82
N ILE A 476 4.28 2.36 27.13
CA ILE A 476 5.06 1.17 26.80
C ILE A 476 5.58 0.50 28.07
N THR A 477 5.98 1.31 29.03
CA THR A 477 6.47 0.82 30.31
C THR A 477 5.37 0.08 31.07
N ASP A 478 4.20 0.70 31.17
CA ASP A 478 3.08 0.10 31.88
C ASP A 478 2.55 -1.14 31.16
N HIS A 479 2.72 -1.17 29.84
CA HIS A 479 2.30 -2.32 29.04
C HIS A 479 3.18 -3.52 29.32
N CYS A 480 4.47 -3.28 29.54
CA CYS A 480 5.42 -4.35 29.82
C CYS A 480 5.28 -4.87 31.25
N THR A 481 4.77 -4.02 32.14
CA THR A 481 4.56 -4.41 33.52
C THR A 481 3.36 -5.35 33.63
N GLU A 482 2.37 -5.12 32.78
CA GLU A 482 1.14 -5.91 32.81
C GLU A 482 1.26 -7.25 32.10
N LYS A 483 2.15 -7.32 31.10
CA LYS A 483 2.22 -8.49 30.24
C LYS A 483 3.41 -9.42 30.50
N MET A 484 4.49 -8.87 31.04
CA MET A 484 5.70 -9.66 31.25
C MET A 484 6.16 -9.66 32.70
N ALA A 485 6.92 -10.70 33.07
CA ALA A 485 7.52 -10.77 34.39
C ALA A 485 8.57 -9.67 34.53
N ALA A 486 8.88 -9.30 35.77
CA ALA A 486 9.74 -8.16 36.03
C ALA A 486 11.14 -8.29 35.42
N TYR A 487 11.70 -9.49 35.44
CA TYR A 487 13.05 -9.70 34.93
C TYR A 487 13.11 -9.68 33.41
N LYS A 488 11.95 -9.77 32.75
CA LYS A 488 11.89 -9.76 31.30
C LYS A 488 11.64 -8.35 30.75
N ARG A 489 11.27 -7.44 31.63
CA ARG A 489 10.96 -6.06 31.23
C ARG A 489 12.22 -5.30 30.84
N PRO A 490 12.16 -4.56 29.72
CA PRO A 490 13.29 -3.77 29.23
C PRO A 490 13.73 -2.69 30.21
N ARG A 491 14.97 -2.78 30.66
CA ARG A 491 15.56 -1.79 31.56
C ARG A 491 15.71 -0.45 30.86
N TRP A 492 16.06 -0.49 29.57
CA TRP A 492 16.16 0.72 28.76
C TRP A 492 15.27 0.62 27.54
N ILE A 493 14.65 1.73 27.16
CA ILE A 493 13.88 1.81 25.94
C ILE A 493 14.41 2.93 25.06
N GLU A 494 15.05 2.56 23.96
CA GLU A 494 15.63 3.55 23.05
C GLU A 494 14.88 3.55 21.72
N PHE A 495 14.42 4.74 21.31
CA PHE A 495 13.69 4.87 20.06
C PHE A 495 14.62 5.15 18.90
N VAL A 496 14.49 4.37 17.85
CA VAL A 496 15.33 4.53 16.66
C VAL A 496 14.47 4.67 15.41
N THR A 497 15.11 5.07 14.31
CA THR A 497 14.41 5.22 13.04
C THR A 497 14.72 4.05 12.10
N GLU A 498 15.71 3.26 12.48
CA GLU A 498 16.13 2.13 11.67
C GLU A 498 16.87 1.08 12.50
N LEU A 499 16.79 -0.17 12.04
CA LEU A 499 17.49 -1.27 12.69
C LEU A 499 18.36 -1.98 11.67
N PRO A 500 19.52 -2.52 12.10
CA PRO A 500 20.39 -3.27 11.19
C PRO A 500 19.70 -4.52 10.67
N LYS A 501 19.48 -4.56 9.36
CA LYS A 501 18.78 -5.67 8.74
C LYS A 501 19.58 -6.36 7.65
N THR A 502 19.38 -7.66 7.52
CA THR A 502 19.94 -8.43 6.40
C THR A 502 19.03 -8.26 5.20
N ALA A 503 19.42 -8.84 4.06
CA ALA A 503 18.60 -8.79 2.87
C ALA A 503 17.57 -9.91 2.86
N THR A 504 17.49 -10.63 3.97
CA THR A 504 16.55 -11.73 4.11
C THR A 504 15.46 -11.41 5.12
N GLY A 505 15.35 -10.14 5.48
CA GLY A 505 14.30 -9.68 6.37
C GLY A 505 14.54 -10.00 7.83
N LYS A 506 15.81 -10.13 8.21
CA LYS A 506 16.16 -10.40 9.60
C LYS A 506 16.68 -9.15 10.29
N ILE A 507 16.72 -9.18 11.62
CA ILE A 507 17.32 -8.11 12.39
C ILE A 507 18.65 -8.56 12.96
N GLN A 508 19.71 -7.84 12.62
CA GLN A 508 21.06 -8.17 13.09
C GLN A 508 21.26 -7.73 14.52
N ARG A 509 20.75 -8.52 15.46
CA ARG A 509 20.82 -8.19 16.88
C ARG A 509 22.24 -8.26 17.43
N PHE A 510 23.12 -8.95 16.72
CA PHE A 510 24.51 -9.04 17.14
C PHE A 510 25.22 -7.71 16.93
N LYS A 511 24.73 -6.92 15.97
CA LYS A 511 25.26 -5.57 15.76
C LYS A 511 24.77 -4.60 16.81
N LEU A 512 23.51 -4.75 17.21
CA LEU A 512 22.95 -3.96 18.29
C LEU A 512 23.66 -4.31 19.59
N ARG A 513 23.96 -5.61 19.75
CA ARG A 513 24.65 -6.10 20.94
C ARG A 513 26.08 -5.59 20.97
N SER A 514 26.67 -5.38 19.80
CA SER A 514 28.02 -4.83 19.69
C SER A 514 28.02 -3.34 20.02
N ALA A 515 27.07 -2.62 19.45
CA ALA A 515 26.97 -1.18 19.63
C ALA A 515 26.62 -0.80 21.07
N ALA A 516 25.84 -1.65 21.72
CA ALA A 516 25.41 -1.39 23.10
C ALA A 516 26.55 -1.64 24.08
N LYS A 517 27.35 -2.66 23.81
CA LYS A 517 28.50 -2.98 24.65
C LYS A 517 29.56 -1.89 24.52
N LEU A 518 29.69 -1.36 23.30
CA LEU A 518 30.65 -0.30 23.02
C LEU A 518 30.22 1.00 23.70
N ALA A 519 28.93 1.31 23.61
CA ALA A 519 28.38 2.53 24.20
C ALA A 519 28.35 2.49 25.72
N ALA A 520 28.19 1.29 26.26
CA ALA A 520 28.16 1.11 27.71
C ALA A 520 29.53 1.38 28.33
N ALA A 521 30.58 1.18 27.53
CA ALA A 521 31.94 1.39 27.99
C ALA A 521 32.40 2.83 27.78
N LEU A 522 31.44 3.75 27.75
CA LEU A 522 31.77 5.17 27.59
C LEU A 522 31.19 6.02 28.71
N MET B 1 -31.40 30.93 -6.65
CA MET B 1 -31.88 31.77 -5.56
C MET B 1 -30.78 32.67 -5.01
N LYS B 2 -31.17 33.75 -4.36
CA LYS B 2 -30.21 34.66 -3.75
C LYS B 2 -30.08 34.36 -2.26
N ALA B 3 -29.00 34.80 -1.65
CA ALA B 3 -28.77 34.60 -0.22
C ALA B 3 -29.79 35.37 0.61
N SER B 4 -30.30 36.47 0.04
CA SER B 4 -31.27 37.32 0.71
C SER B 4 -32.68 36.71 0.65
N ASP B 5 -32.86 35.71 -0.21
CA ASP B 5 -34.13 35.00 -0.30
C ASP B 5 -34.35 34.18 0.97
N LEU B 6 -33.24 33.66 1.53
CA LEU B 6 -33.28 32.94 2.79
C LEU B 6 -33.67 33.89 3.91
N PRO B 7 -34.33 33.36 4.96
CA PRO B 7 -34.61 34.17 6.15
C PRO B 7 -33.30 34.62 6.79
N LEU B 8 -33.27 35.80 7.39
CA LEU B 8 -32.05 36.39 7.92
C LEU B 8 -31.33 35.46 8.90
N TYR B 9 -32.11 34.78 9.74
CA TYR B 9 -31.55 33.79 10.65
C TYR B 9 -31.95 32.38 10.22
N TYR B 10 -30.97 31.66 9.68
CA TYR B 10 -31.21 30.31 9.14
C TYR B 10 -30.21 29.32 9.71
N ASN B 11 -30.67 28.10 9.96
CA ASN B 11 -29.80 27.03 10.43
C ASN B 11 -29.76 25.89 9.42
N ALA B 12 -28.55 25.43 9.10
CA ALA B 12 -28.35 24.43 8.05
C ALA B 12 -28.90 23.05 8.43
N VAL B 13 -29.34 22.89 9.67
CA VAL B 13 -29.97 21.66 10.11
C VAL B 13 -31.34 21.51 9.43
N ASP B 14 -31.80 22.59 8.81
CA ASP B 14 -33.04 22.58 8.05
C ASP B 14 -32.95 21.64 6.86
N ILE B 15 -31.74 21.42 6.36
CA ILE B 15 -31.50 20.47 5.28
C ILE B 15 -32.07 19.10 5.62
N LEU B 16 -31.97 18.73 6.90
CA LEU B 16 -32.53 17.48 7.39
C LEU B 16 -33.98 17.63 7.82
N GLU B 17 -34.27 18.71 8.54
CA GLU B 17 -35.57 18.87 9.18
C GLU B 17 -36.66 19.39 8.24
N ARG B 18 -36.30 19.70 7.01
CA ARG B 18 -37.29 20.07 6.00
C ARG B 18 -38.03 18.81 5.55
N ASN B 19 -37.45 17.66 5.87
CA ASN B 19 -38.04 16.37 5.53
C ASN B 19 -38.90 15.83 6.66
N LEU B 20 -39.14 16.67 7.66
CA LEU B 20 -39.94 16.28 8.81
C LEU B 20 -41.13 17.21 9.01
N PRO B 21 -42.30 16.63 9.32
CA PRO B 21 -42.50 15.19 9.45
C PRO B 21 -43.02 14.56 8.16
N VAL B 22 -42.84 15.24 7.04
CA VAL B 22 -43.40 14.80 5.76
C VAL B 22 -42.83 13.45 5.29
N ARG B 23 -41.52 13.28 5.40
CA ARG B 23 -40.87 12.05 4.97
C ARG B 23 -40.21 11.33 6.13
N ALA B 24 -40.89 11.34 7.28
CA ALA B 24 -40.34 10.80 8.52
C ALA B 24 -39.88 9.34 8.42
N ASN B 25 -40.69 8.49 7.80
CA ASN B 25 -40.39 7.07 7.74
C ASN B 25 -39.68 6.60 6.46
N LYS B 26 -39.29 7.55 5.63
CA LYS B 26 -38.51 7.21 4.44
C LYS B 26 -37.04 7.04 4.81
N THR B 27 -36.45 5.94 4.37
CA THR B 27 -35.03 5.67 4.63
C THR B 27 -34.16 6.78 4.04
N ALA B 28 -33.46 7.50 4.91
CA ALA B 28 -32.65 8.64 4.50
C ALA B 28 -31.26 8.21 4.02
N LEU B 29 -30.59 7.38 4.80
CA LEU B 29 -29.26 6.91 4.44
C LEU B 29 -29.15 5.39 4.40
N PHE B 30 -28.41 4.89 3.41
CA PHE B 30 -28.19 3.46 3.26
C PHE B 30 -26.73 3.11 3.53
N THR B 31 -26.47 2.39 4.61
CA THR B 31 -25.13 1.91 4.92
C THR B 31 -25.19 0.40 5.19
N PRO B 32 -24.09 -0.32 4.90
CA PRO B 32 -24.04 -1.77 5.14
C PRO B 32 -24.36 -2.14 6.59
N ASP B 33 -24.06 -1.26 7.54
CA ASP B 33 -24.32 -1.54 8.95
C ASP B 33 -25.70 -1.08 9.38
N ARG B 34 -26.12 0.08 8.90
CA ARG B 34 -27.42 0.64 9.29
C ARG B 34 -28.16 1.33 8.16
N GLU B 35 -29.47 1.24 8.19
CA GLU B 35 -30.33 2.02 7.32
C GLU B 35 -31.24 2.86 8.21
N MET B 36 -31.17 4.18 8.06
CA MET B 36 -31.92 5.07 8.93
C MET B 36 -32.94 5.90 8.18
N THR B 37 -34.08 6.16 8.82
CA THR B 37 -35.09 7.04 8.26
C THR B 37 -34.77 8.47 8.68
N PHE B 38 -35.44 9.44 8.06
CA PHE B 38 -35.24 10.85 8.39
C PHE B 38 -35.55 11.12 9.86
N ARG B 39 -36.55 10.43 10.39
CA ARG B 39 -36.91 10.55 11.79
C ARG B 39 -35.79 10.03 12.69
N GLN B 40 -35.25 8.86 12.33
CA GLN B 40 -34.19 8.23 13.11
C GLN B 40 -32.90 9.06 13.09
N VAL B 41 -32.59 9.62 11.93
CA VAL B 41 -31.41 10.46 11.79
C VAL B 41 -31.54 11.70 12.68
N SER B 42 -32.72 12.33 12.63
CA SER B 42 -32.98 13.53 13.42
C SER B 42 -32.93 13.27 14.92
N ASN B 43 -33.47 12.14 15.34
CA ASN B 43 -33.45 11.76 16.75
C ASN B 43 -32.02 11.62 17.26
N GLU B 44 -31.20 10.87 16.54
CA GLU B 44 -29.82 10.64 16.93
C GLU B 44 -29.01 11.92 16.83
N ALA B 45 -29.36 12.78 15.87
CA ALA B 45 -28.69 14.06 15.72
C ALA B 45 -28.97 14.97 16.90
N ASN B 46 -30.21 14.96 17.38
CA ASN B 46 -30.58 15.73 18.56
C ASN B 46 -29.89 15.19 19.82
N GLN B 47 -29.72 13.88 19.87
CA GLN B 47 -29.01 13.25 20.97
C GLN B 47 -27.54 13.67 20.97
N VAL B 48 -26.94 13.70 19.79
CA VAL B 48 -25.57 14.17 19.64
C VAL B 48 -25.47 15.62 20.10
N GLY B 49 -26.39 16.44 19.62
CA GLY B 49 -26.44 17.85 20.00
C GLY B 49 -26.55 18.04 21.50
N ASN B 50 -27.46 17.28 22.12
CA ASN B 50 -27.65 17.33 23.56
C ASN B 50 -26.43 16.81 24.32
N ALA B 51 -25.80 15.77 23.78
CA ALA B 51 -24.63 15.19 24.40
C ALA B 51 -23.42 16.12 24.32
N LEU B 52 -23.32 16.86 23.22
CA LEU B 52 -22.25 17.84 23.05
C LEU B 52 -22.40 18.98 24.06
N LYS B 53 -23.65 19.35 24.35
CA LYS B 53 -23.94 20.36 25.35
C LYS B 53 -23.45 19.90 26.72
N GLY B 54 -23.56 18.60 26.96
CA GLY B 54 -23.09 18.02 28.20
C GLY B 54 -21.58 18.10 28.33
N LEU B 55 -20.90 18.20 27.19
CA LEU B 55 -19.45 18.31 27.17
C LEU B 55 -19.01 19.78 27.11
N GLY B 56 -19.99 20.68 27.19
CA GLY B 56 -19.71 22.11 27.26
C GLY B 56 -19.53 22.78 25.92
N VAL B 57 -19.92 22.09 24.85
CA VAL B 57 -19.83 22.66 23.51
C VAL B 57 -20.81 23.82 23.37
N ARG B 58 -20.34 24.94 22.81
CA ARG B 58 -21.18 26.12 22.64
C ARG B 58 -21.25 26.59 21.19
N PHE B 59 -22.11 27.57 20.96
CA PHE B 59 -22.27 28.20 19.65
C PHE B 59 -20.94 28.78 19.18
N GLY B 60 -20.51 28.36 18.00
CA GLY B 60 -19.30 28.91 17.39
C GLY B 60 -18.02 28.16 17.73
N GLU B 61 -18.15 27.04 18.42
CA GLU B 61 -17.00 26.22 18.78
C GLU B 61 -16.80 25.07 17.80
N CYS B 62 -15.54 24.75 17.51
CA CYS B 62 -15.21 23.71 16.55
C CYS B 62 -15.19 22.32 17.19
N VAL B 63 -15.96 21.40 16.62
CA VAL B 63 -15.93 20.01 17.03
C VAL B 63 -15.31 19.17 15.93
N GLY B 64 -14.29 18.39 16.28
CA GLY B 64 -13.60 17.57 15.31
C GLY B 64 -14.36 16.31 14.96
N LEU B 65 -14.53 16.07 13.65
CA LEU B 65 -15.20 14.86 13.17
C LEU B 65 -14.28 14.08 12.24
N LEU B 66 -13.72 12.99 12.75
CA LEU B 66 -12.78 12.19 11.97
C LEU B 66 -13.18 10.72 11.98
N THR B 67 -14.03 10.33 11.04
CA THR B 67 -14.48 8.94 10.95
C THR B 67 -14.88 8.57 9.53
N LEU B 68 -15.20 7.30 9.33
CA LEU B 68 -15.57 6.78 8.01
C LEU B 68 -16.93 7.33 7.57
N ASP B 69 -17.20 7.25 6.27
CA ASP B 69 -18.52 7.58 5.75
C ASP B 69 -19.54 6.63 6.34
N SER B 70 -20.35 7.14 7.27
CA SER B 70 -21.25 6.28 8.03
C SER B 70 -22.46 7.05 8.54
N ALA B 71 -23.39 6.33 9.16
CA ALA B 71 -24.54 6.94 9.79
C ALA B 71 -24.10 7.84 10.93
N GLU B 72 -23.03 7.44 11.61
CA GLU B 72 -22.49 8.21 12.72
C GLU B 72 -21.87 9.52 12.26
N TRP B 73 -21.31 9.52 11.05
CA TRP B 73 -20.74 10.74 10.48
C TRP B 73 -21.83 11.78 10.31
N VAL B 74 -22.97 11.34 9.77
CA VAL B 74 -24.07 12.25 9.46
C VAL B 74 -24.76 12.78 10.71
N THR B 75 -25.05 11.90 11.65
CA THR B 75 -25.73 12.29 12.88
C THR B 75 -24.86 13.22 13.72
N SER B 76 -23.56 12.95 13.73
CA SER B 76 -22.62 13.83 14.41
C SER B 76 -22.58 15.19 13.75
N PHE B 77 -22.52 15.20 12.42
CA PHE B 77 -22.45 16.43 11.64
C PHE B 77 -23.62 17.36 11.94
N PHE B 78 -24.84 16.86 11.79
CA PHE B 78 -26.03 17.68 12.05
C PHE B 78 -26.23 17.96 13.53
N GLY B 79 -25.65 17.12 14.37
CA GLY B 79 -25.70 17.35 15.81
C GLY B 79 -24.89 18.59 16.18
N ILE B 80 -23.76 18.76 15.50
CA ILE B 80 -22.89 19.91 15.73
C ILE B 80 -23.48 21.17 15.13
N VAL B 81 -23.94 21.06 13.89
CA VAL B 81 -24.52 22.19 13.15
C VAL B 81 -25.72 22.79 13.87
N LYS B 82 -26.56 21.92 14.43
CA LYS B 82 -27.77 22.36 15.11
C LYS B 82 -27.49 23.20 16.36
N LEU B 83 -26.35 22.96 17.00
CA LEU B 83 -25.96 23.70 18.19
C LEU B 83 -25.42 25.09 17.84
N GLY B 84 -25.22 25.33 16.56
CA GLY B 84 -24.60 26.57 16.12
C GLY B 84 -23.08 26.45 16.21
N ALA B 85 -22.62 25.25 16.51
CA ALA B 85 -21.19 24.96 16.58
C ALA B 85 -20.65 24.68 15.18
N ILE B 86 -19.34 24.47 15.08
CA ILE B 86 -18.70 24.29 13.79
C ILE B 86 -18.14 22.90 13.60
N ALA B 87 -18.73 22.14 12.69
CA ALA B 87 -18.28 20.78 12.39
C ALA B 87 -17.03 20.80 11.51
N VAL B 88 -15.99 20.11 11.97
CA VAL B 88 -14.74 20.03 11.23
C VAL B 88 -14.56 18.64 10.63
N GLY B 89 -15.02 18.47 9.40
CA GLY B 89 -14.88 17.19 8.70
C GLY B 89 -13.46 16.97 8.24
N ILE B 90 -12.73 16.13 8.95
CA ILE B 90 -11.29 15.96 8.73
C ILE B 90 -10.99 14.81 7.76
N ASN B 91 -10.02 15.04 6.88
CA ASN B 91 -9.53 14.01 5.96
C ASN B 91 -9.11 12.75 6.71
N THR B 92 -9.59 11.61 6.24
CA THR B 92 -9.43 10.35 6.95
C THR B 92 -8.08 9.68 6.67
N LEU B 93 -7.40 10.14 5.63
CA LEU B 93 -6.16 9.50 5.18
C LEU B 93 -4.94 10.39 5.38
N LEU B 94 -4.81 10.98 6.56
CA LEU B 94 -3.68 11.85 6.86
C LEU B 94 -2.71 11.23 7.87
N LYS B 95 -1.65 11.97 8.18
CA LYS B 95 -0.64 11.52 9.13
C LYS B 95 -0.73 12.35 10.41
N PRO B 96 -0.26 11.79 11.54
CA PRO B 96 -0.31 12.46 12.84
C PRO B 96 0.08 13.95 12.91
N PRO B 97 1.15 14.37 12.19
CA PRO B 97 1.44 15.81 12.26
C PRO B 97 0.33 16.67 11.67
N GLU B 98 -0.28 16.21 10.58
CA GLU B 98 -1.37 16.94 9.96
C GLU B 98 -2.59 17.03 10.88
N TYR B 99 -2.84 15.94 11.61
CA TYR B 99 -3.95 15.90 12.55
C TYR B 99 -3.68 16.81 13.75
N GLU B 100 -2.40 16.93 14.12
CA GLU B 100 -2.01 17.78 15.23
C GLU B 100 -2.20 19.26 14.87
N TYR B 101 -1.85 19.61 13.64
CA TYR B 101 -2.00 20.98 13.16
C TYR B 101 -3.47 21.38 13.12
N ILE B 102 -4.30 20.54 12.52
CA ILE B 102 -5.72 20.83 12.35
C ILE B 102 -6.44 21.03 13.68
N LEU B 103 -6.25 20.08 14.60
CA LEU B 103 -6.92 20.13 15.90
C LEU B 103 -6.39 21.28 16.77
N ARG B 104 -5.18 21.72 16.49
CA ARG B 104 -4.59 22.86 17.20
C ARG B 104 -5.03 24.18 16.58
N ASP B 105 -5.24 24.18 15.27
CA ASP B 105 -5.66 25.37 14.54
C ASP B 105 -7.10 25.77 14.84
N CYS B 106 -7.97 24.79 15.03
CA CYS B 106 -9.39 25.06 15.27
C CYS B 106 -9.75 25.01 16.76
N ARG B 107 -8.76 24.76 17.60
CA ARG B 107 -8.94 24.73 19.05
C ARG B 107 -10.04 23.78 19.51
N ALA B 108 -10.12 22.61 18.89
CA ALA B 108 -11.18 21.65 19.18
C ALA B 108 -11.15 21.16 20.62
N ARG B 109 -12.28 21.28 21.31
CA ARG B 109 -12.42 20.77 22.67
C ARG B 109 -12.86 19.32 22.64
N VAL B 110 -13.70 19.00 21.67
CA VAL B 110 -14.25 17.65 21.54
C VAL B 110 -13.93 17.07 20.17
N LEU B 111 -13.52 15.82 20.14
CA LEU B 111 -13.23 15.13 18.89
C LEU B 111 -14.01 13.84 18.76
N ILE B 112 -14.83 13.74 17.73
CA ILE B 112 -15.56 12.52 17.42
C ILE B 112 -14.74 11.73 16.40
N VAL B 113 -14.19 10.60 16.82
CA VAL B 113 -13.24 9.84 16.00
C VAL B 113 -13.55 8.35 15.98
N HIS B 114 -13.29 7.71 14.83
CA HIS B 114 -13.44 6.28 14.70
C HIS B 114 -12.27 5.59 15.38
N GLN B 115 -12.48 4.35 15.84
CA GLN B 115 -11.45 3.60 16.55
C GLN B 115 -10.21 3.36 15.67
N GLU B 116 -10.43 3.32 14.37
CA GLU B 116 -9.37 3.04 13.41
C GLU B 116 -8.30 4.14 13.41
N PHE B 117 -8.70 5.37 13.70
CA PHE B 117 -7.79 6.51 13.64
C PHE B 117 -7.39 7.02 15.02
N LEU B 118 -7.77 6.27 16.03
CA LEU B 118 -7.46 6.63 17.39
C LEU B 118 -6.00 6.63 17.78
N PRO B 119 -5.23 5.66 17.38
CA PRO B 119 -3.80 5.70 17.75
C PRO B 119 -3.00 6.80 17.04
N LEU B 120 -3.56 7.34 15.95
CA LEU B 120 -2.94 8.45 15.23
C LEU B 120 -3.04 9.75 16.03
N ILE B 121 -4.07 9.84 16.87
CA ILE B 121 -4.32 11.04 17.67
C ILE B 121 -3.73 10.88 19.08
N GLU B 122 -3.71 9.64 19.57
CA GLU B 122 -3.00 9.30 20.81
C GLU B 122 -1.54 9.73 20.71
N SER B 123 -0.99 9.64 19.51
CA SER B 123 0.40 9.99 19.25
C SER B 123 0.69 11.47 19.50
N ILE B 124 -0.24 12.32 19.08
CA ILE B 124 -0.07 13.77 19.18
C ILE B 124 -1.02 14.45 20.17
N ARG B 125 -1.63 13.65 21.04
CA ARG B 125 -2.56 14.13 22.05
C ARG B 125 -1.92 15.13 23.02
N GLY B 126 -0.67 14.87 23.38
CA GLY B 126 0.04 15.69 24.34
C GLY B 126 0.23 17.13 23.88
N ASN B 127 0.15 17.34 22.57
CA ASN B 127 0.28 18.68 22.01
C ASN B 127 -1.05 19.29 21.62
N LEU B 128 -2.13 18.78 22.22
CA LEU B 128 -3.46 19.34 22.01
C LEU B 128 -4.05 19.80 23.33
N PRO B 129 -3.64 20.99 23.79
CA PRO B 129 -4.02 21.51 25.11
C PRO B 129 -5.52 21.76 25.25
N MET B 130 -6.19 22.07 24.14
CA MET B 130 -7.62 22.37 24.18
C MET B 130 -8.50 21.13 24.11
N LEU B 131 -7.95 20.02 23.62
CA LEU B 131 -8.73 18.80 23.48
C LEU B 131 -9.00 18.15 24.84
N GLU B 132 -10.27 18.06 25.21
CA GLU B 132 -10.68 17.60 26.54
C GLU B 132 -11.50 16.32 26.49
N HIS B 133 -12.30 16.16 25.43
CA HIS B 133 -13.18 15.02 25.30
C HIS B 133 -12.99 14.31 23.96
N ILE B 134 -12.82 12.99 24.00
CA ILE B 134 -12.69 12.19 22.79
C ILE B 134 -13.76 11.11 22.74
N VAL B 135 -14.73 11.28 21.85
CA VAL B 135 -15.78 10.30 21.66
C VAL B 135 -15.37 9.31 20.57
N VAL B 136 -15.31 8.03 20.91
CA VAL B 136 -14.85 7.01 19.98
C VAL B 136 -16.00 6.24 19.35
N ILE B 137 -15.95 6.07 18.03
CA ILE B 137 -16.91 5.27 17.30
C ILE B 137 -16.28 3.93 16.94
N GLY B 138 -16.86 2.83 17.42
CA GLY B 138 -16.34 1.51 17.13
C GLY B 138 -16.71 0.45 18.14
N GLU B 139 -15.87 -0.58 18.23
CA GLU B 139 -16.13 -1.73 19.10
C GLU B 139 -16.28 -1.35 20.57
N GLY B 140 -15.24 -0.74 21.13
CA GLY B 140 -15.25 -0.34 22.53
C GLY B 140 -13.95 0.33 22.94
N PRO B 141 -14.02 1.63 23.24
CA PRO B 141 -12.83 2.41 23.59
C PRO B 141 -12.25 2.00 24.94
N GLN B 142 -10.97 2.28 25.14
CA GLN B 142 -10.33 1.99 26.42
C GLN B 142 -10.63 3.10 27.41
N GLU B 143 -9.88 3.13 28.50
CA GLU B 143 -10.07 4.14 29.54
C GLU B 143 -9.78 5.54 29.02
N GLY B 144 -10.49 6.52 29.55
CA GLY B 144 -10.28 7.91 29.18
C GLY B 144 -11.14 8.37 28.02
N TYR B 145 -11.66 7.42 27.25
CA TYR B 145 -12.46 7.74 26.07
C TYR B 145 -13.94 7.45 26.26
N LEU B 146 -14.77 8.18 25.53
CA LEU B 146 -16.21 7.96 25.55
C LEU B 146 -16.63 7.05 24.39
N SER B 147 -17.65 6.24 24.61
CA SER B 147 -18.19 5.38 23.56
C SER B 147 -19.41 6.06 22.95
N PHE B 148 -19.40 6.22 21.63
CA PHE B 148 -20.43 6.96 20.90
C PHE B 148 -21.86 6.58 21.27
N ASN B 149 -22.14 5.28 21.30
CA ASN B 149 -23.49 4.80 21.61
C ASN B 149 -23.90 5.05 23.06
N ASP B 150 -22.96 4.84 23.98
CA ASP B 150 -23.22 5.07 25.40
C ASP B 150 -23.31 6.56 25.70
N TRP B 151 -22.65 7.36 24.87
CA TRP B 151 -22.54 8.80 25.08
C TRP B 151 -23.80 9.56 24.68
N ILE B 152 -24.57 9.00 23.75
CA ILE B 152 -25.79 9.64 23.28
C ILE B 152 -27.04 9.00 23.87
N ARG B 153 -26.88 7.81 24.45
CA ARG B 153 -28.02 7.02 24.94
C ARG B 153 -28.96 7.73 25.93
N PRO B 154 -28.40 8.33 27.00
CA PRO B 154 -29.33 8.93 27.97
C PRO B 154 -29.88 10.28 27.52
N GLN B 155 -29.43 10.77 26.37
CA GLN B 155 -29.86 12.08 25.88
C GLN B 155 -31.23 12.04 25.23
N PRO B 156 -32.04 13.09 25.47
CA PRO B 156 -33.37 13.20 24.86
C PRO B 156 -33.27 13.39 23.34
N THR B 157 -34.27 12.93 22.62
CA THR B 157 -34.28 13.04 21.16
C THR B 157 -34.88 14.37 20.71
N THR B 158 -35.18 15.24 21.67
CA THR B 158 -35.71 16.57 21.36
C THR B 158 -34.64 17.64 21.58
N LEU B 159 -34.58 18.60 20.68
CA LEU B 159 -33.60 19.68 20.76
C LEU B 159 -34.03 20.84 19.87
N GLU B 160 -33.87 22.06 20.39
CA GLU B 160 -34.15 23.25 19.60
C GLU B 160 -32.91 23.73 18.87
N ALA B 161 -33.08 24.10 17.60
CA ALA B 161 -31.98 24.60 16.79
C ALA B 161 -31.45 25.91 17.36
N ALA B 162 -30.15 26.15 17.18
CA ALA B 162 -29.54 27.37 17.67
C ALA B 162 -29.93 28.55 16.79
N GLN B 163 -30.01 29.73 17.40
CA GLN B 163 -30.45 30.93 16.71
C GLN B 163 -29.32 31.51 15.86
N SER B 164 -28.89 30.74 14.86
CA SER B 164 -27.76 31.13 14.03
C SER B 164 -28.15 32.08 12.90
N HIS B 165 -27.32 33.08 12.68
CA HIS B 165 -27.43 33.95 11.51
C HIS B 165 -27.09 33.08 10.31
N ARG B 166 -27.68 33.37 9.15
CA ARG B 166 -27.41 32.56 7.97
C ARG B 166 -25.96 32.69 7.51
N GLU B 167 -25.31 33.76 7.94
CA GLU B 167 -23.91 34.01 7.60
C GLU B 167 -22.95 33.46 8.64
N ASP B 168 -23.50 32.89 9.72
CA ASP B 168 -22.68 32.27 10.75
C ASP B 168 -22.00 31.01 10.21
N ILE B 169 -20.78 30.75 10.65
CA ILE B 169 -20.03 29.59 10.22
C ILE B 169 -20.55 28.33 10.89
N CYS B 170 -20.80 27.29 10.09
CA CYS B 170 -21.29 26.02 10.62
C CYS B 170 -20.35 24.87 10.33
N SER B 171 -19.42 25.06 9.40
CA SER B 171 -18.49 24.01 9.04
C SER B 171 -17.10 24.53 8.71
N LEU B 172 -16.09 23.69 8.94
CA LEU B 172 -14.72 24.03 8.60
C LEU B 172 -14.07 22.86 7.87
N ASN B 173 -13.64 23.10 6.64
CA ASN B 173 -13.00 22.07 5.83
C ASN B 173 -11.56 22.43 5.47
N TYR B 174 -10.64 21.53 5.78
CA TYR B 174 -9.22 21.76 5.51
C TYR B 174 -8.79 21.16 4.18
N SER B 175 -8.53 22.03 3.21
CA SER B 175 -8.12 21.59 1.88
C SER B 175 -6.61 21.46 1.76
N SER B 176 -6.17 20.56 0.89
CA SER B 176 -4.74 20.34 0.67
C SER B 176 -4.14 21.42 -0.22
N GLY B 177 -2.87 21.72 0.00
CA GLY B 177 -2.15 22.67 -0.84
C GLY B 177 -0.94 22.01 -1.45
N THR B 178 -0.41 22.63 -2.51
CA THR B 178 0.81 22.13 -3.15
C THR B 178 1.93 22.12 -2.13
N THR B 179 2.29 23.31 -1.66
CA THR B 179 3.21 23.47 -0.56
C THR B 179 2.60 24.44 0.45
N GLY B 180 3.01 24.33 1.71
CA GLY B 180 2.51 25.22 2.74
C GLY B 180 1.76 24.51 3.86
N GLY B 181 0.78 23.71 3.49
CA GLY B 181 -0.02 22.99 4.47
C GLY B 181 -1.51 23.16 4.26
N PRO B 182 -2.31 22.55 5.15
CA PRO B 182 -3.78 22.58 5.03
C PRO B 182 -4.38 23.94 5.41
N LYS B 183 -5.29 24.42 4.58
CA LYS B 183 -5.96 25.70 4.82
C LYS B 183 -7.40 25.46 5.26
N GLY B 184 -7.78 26.05 6.38
CA GLY B 184 -9.13 25.93 6.89
C GLY B 184 -10.11 26.82 6.14
N ILE B 185 -11.15 26.20 5.59
CA ILE B 185 -12.14 26.94 4.82
C ILE B 185 -13.50 26.89 5.51
N PRO B 186 -13.89 28.01 6.13
CA PRO B 186 -15.17 28.12 6.84
C PRO B 186 -16.33 28.44 5.90
N HIS B 187 -17.43 27.71 6.04
CA HIS B 187 -18.62 27.99 5.25
C HIS B 187 -19.82 28.31 6.14
N ALA B 188 -20.69 29.18 5.65
CA ALA B 188 -21.85 29.62 6.42
C ALA B 188 -23.04 28.69 6.25
N HIS B 189 -24.05 28.87 7.10
CA HIS B 189 -25.27 28.08 7.01
C HIS B 189 -25.94 28.27 5.66
N LYS B 190 -25.87 29.49 5.13
CA LYS B 190 -26.52 29.83 3.87
C LYS B 190 -25.94 29.06 2.68
N ASP B 191 -24.67 28.68 2.77
CA ASP B 191 -23.98 28.02 1.67
C ASP B 191 -24.54 26.64 1.36
N TYR B 192 -25.25 26.05 2.31
CA TYR B 192 -25.77 24.71 2.14
C TYR B 192 -27.05 24.61 1.29
N PRO B 193 -28.10 25.39 1.63
CA PRO B 193 -29.27 25.32 0.75
C PRO B 193 -29.06 26.06 -0.57
N LEU B 194 -28.14 27.01 -0.59
CA LEU B 194 -27.84 27.76 -1.80
C LEU B 194 -27.23 26.89 -2.89
N THR B 195 -26.15 26.19 -2.55
CA THR B 195 -25.50 25.29 -3.51
C THR B 195 -26.45 24.16 -3.90
N ALA B 196 -27.31 23.76 -2.97
CA ALA B 196 -28.27 22.70 -3.21
C ALA B 196 -29.27 23.10 -4.29
N GLN B 197 -29.72 24.35 -4.25
CA GLN B 197 -30.65 24.85 -5.24
C GLN B 197 -29.93 25.17 -6.54
N LEU B 198 -28.81 25.89 -6.44
CA LEU B 198 -28.10 26.38 -7.62
C LEU B 198 -27.57 25.27 -8.53
N TRP B 199 -26.97 24.24 -7.95
CA TRP B 199 -26.46 23.14 -8.76
C TRP B 199 -27.28 21.86 -8.66
N GLY B 200 -27.61 21.46 -7.43
CA GLY B 200 -28.33 20.23 -7.20
C GLY B 200 -29.68 20.16 -7.89
N VAL B 201 -30.50 21.19 -7.66
CA VAL B 201 -31.83 21.24 -8.27
C VAL B 201 -31.80 21.84 -9.67
N ASN B 202 -31.23 23.03 -9.80
CA ASN B 202 -31.23 23.76 -11.07
C ASN B 202 -30.45 23.06 -12.18
N VAL B 203 -29.26 22.57 -11.87
CA VAL B 203 -28.42 21.96 -12.89
C VAL B 203 -28.52 20.44 -13.03
N LEU B 204 -28.32 19.72 -11.93
CA LEU B 204 -28.32 18.26 -11.95
C LEU B 204 -29.75 17.75 -12.06
N GLY B 205 -30.66 18.44 -11.39
CA GLY B 205 -32.07 18.06 -11.44
C GLY B 205 -32.42 16.94 -10.47
N LEU B 206 -32.00 17.08 -9.22
CA LEU B 206 -32.31 16.10 -8.19
C LEU B 206 -33.77 16.16 -7.78
N ARG B 207 -34.34 15.00 -7.49
CA ARG B 207 -35.73 14.92 -7.02
C ARG B 207 -35.83 13.91 -5.89
N GLU B 208 -36.99 13.90 -5.21
CA GLU B 208 -37.18 13.06 -4.03
C GLU B 208 -37.09 11.57 -4.32
N SER B 209 -37.31 11.20 -5.58
CA SER B 209 -37.25 9.79 -5.98
C SER B 209 -35.82 9.31 -6.15
N ASP B 210 -34.88 10.25 -6.20
CA ASP B 210 -33.48 9.92 -6.43
C ASP B 210 -32.81 9.28 -5.23
N ARG B 211 -31.72 8.57 -5.48
CA ARG B 211 -30.88 8.01 -4.43
C ARG B 211 -29.43 8.21 -4.83
N THR B 212 -28.69 8.97 -4.03
CA THR B 212 -27.33 9.36 -4.39
C THR B 212 -26.27 8.44 -3.78
N PHE B 213 -25.15 8.31 -4.48
CA PHE B 213 -24.00 7.59 -3.98
C PHE B 213 -22.72 8.22 -4.52
N ALA B 214 -21.87 8.69 -3.60
CA ALA B 214 -20.62 9.32 -3.98
C ALA B 214 -19.43 8.55 -3.43
N LEU B 215 -18.45 8.29 -4.29
CA LEU B 215 -17.21 7.66 -3.84
C LEU B 215 -16.42 8.68 -3.02
N ALA B 216 -16.67 9.96 -3.28
CA ALA B 216 -16.08 11.03 -2.50
C ALA B 216 -16.62 11.00 -1.08
N LYS B 217 -15.73 11.12 -0.10
CA LYS B 217 -16.12 11.04 1.29
C LYS B 217 -16.80 12.33 1.77
N LEU B 218 -17.33 12.30 2.99
CA LEU B 218 -18.11 13.40 3.50
C LEU B 218 -17.25 14.55 4.05
N PHE B 219 -15.95 14.32 4.20
CA PHE B 219 -15.05 15.40 4.59
C PHE B 219 -14.63 16.20 3.35
N PHE B 220 -14.99 15.68 2.19
CA PHE B 220 -14.77 16.35 0.91
C PHE B 220 -16.11 16.95 0.50
N THR B 221 -16.16 18.27 0.37
CA THR B 221 -17.42 18.97 0.11
C THR B 221 -18.11 18.54 -1.18
N PHE B 222 -17.34 17.97 -2.10
CA PHE B 222 -17.90 17.39 -3.32
C PHE B 222 -18.84 16.24 -2.95
N GLY B 223 -18.40 15.41 -2.02
CA GLY B 223 -19.23 14.32 -1.51
C GLY B 223 -20.22 14.80 -0.47
N THR B 224 -19.81 15.77 0.34
CA THR B 224 -20.67 16.30 1.38
C THR B 224 -21.92 16.93 0.78
N GLY B 225 -21.74 17.64 -0.32
CA GLY B 225 -22.85 18.22 -1.04
C GLY B 225 -23.63 17.16 -1.81
N GLY B 226 -22.94 16.50 -2.73
CA GLY B 226 -23.57 15.55 -3.62
C GLY B 226 -24.22 14.33 -2.97
N ASN B 227 -23.67 13.89 -1.84
CA ASN B 227 -24.13 12.65 -1.22
C ASN B 227 -24.75 12.84 0.16
N LEU B 228 -25.21 14.04 0.46
CA LEU B 228 -25.84 14.31 1.75
C LEU B 228 -26.74 15.54 1.72
N ILE B 229 -26.13 16.71 1.61
CA ILE B 229 -26.88 17.97 1.64
C ILE B 229 -27.86 18.08 0.47
N PHE B 230 -27.37 17.85 -0.74
CA PHE B 230 -28.17 18.02 -1.95
C PHE B 230 -29.37 17.07 -2.05
N PRO B 231 -29.16 15.75 -1.83
CA PRO B 231 -30.34 14.88 -1.92
C PRO B 231 -31.37 15.14 -0.83
N TRP B 232 -30.90 15.39 0.40
CA TRP B 232 -31.82 15.63 1.51
C TRP B 232 -32.55 16.96 1.37
N TYR B 233 -32.00 17.85 0.55
CA TYR B 233 -32.61 19.14 0.27
C TYR B 233 -33.92 18.96 -0.49
N VAL B 234 -34.00 17.90 -1.28
CA VAL B 234 -35.18 17.63 -2.09
C VAL B 234 -35.93 16.40 -1.61
N GLY B 235 -35.42 15.76 -0.57
CA GLY B 235 -36.07 14.60 0.02
C GLY B 235 -35.58 13.27 -0.52
N ALA B 236 -34.45 13.30 -1.21
CA ALA B 236 -33.86 12.08 -1.75
C ALA B 236 -33.03 11.35 -0.70
N SER B 237 -32.66 10.12 -0.99
CA SER B 237 -31.85 9.33 -0.06
C SER B 237 -30.40 9.28 -0.53
N CYS B 238 -29.51 8.81 0.34
CA CYS B 238 -28.09 8.72 0.01
C CYS B 238 -27.49 7.39 0.44
N VAL B 239 -26.42 7.00 -0.25
CA VAL B 239 -25.70 5.76 0.07
C VAL B 239 -24.28 6.07 0.53
N LEU B 240 -23.91 5.57 1.70
CA LEU B 240 -22.59 5.82 2.25
C LEU B 240 -21.70 4.58 2.20
N PHE B 241 -20.48 4.76 1.71
CA PHE B 241 -19.52 3.66 1.58
C PHE B 241 -18.31 3.93 2.48
N PRO B 242 -18.16 3.12 3.55
CA PRO B 242 -17.10 3.32 4.56
C PRO B 242 -15.74 2.78 4.14
N GLY B 243 -15.70 1.89 3.16
CA GLY B 243 -14.48 1.22 2.76
C GLY B 243 -13.54 2.07 1.91
N ALA B 244 -12.47 1.43 1.44
CA ALA B 244 -11.47 2.10 0.62
C ALA B 244 -12.00 2.43 -0.77
N ALA B 245 -11.71 3.64 -1.23
CA ALA B 245 -12.24 4.13 -2.50
C ALA B 245 -11.54 3.54 -3.73
N ARG B 246 -10.25 3.23 -3.59
CA ARG B 246 -9.45 2.79 -4.74
C ARG B 246 -9.67 1.33 -5.13
N VAL B 247 -10.49 0.62 -4.36
CA VAL B 247 -10.89 -0.73 -4.74
C VAL B 247 -12.21 -0.67 -5.48
N ALA B 248 -12.12 -0.54 -6.81
CA ALA B 248 -13.29 -0.27 -7.65
C ALA B 248 -14.35 -1.37 -7.62
N SER B 249 -13.93 -2.59 -7.34
CA SER B 249 -14.84 -3.73 -7.28
C SER B 249 -15.93 -3.53 -6.23
N ASN B 250 -15.53 -3.05 -5.06
CA ASN B 250 -16.46 -2.82 -3.96
C ASN B 250 -17.36 -1.62 -4.22
N VAL B 251 -16.87 -0.68 -5.02
CA VAL B 251 -17.64 0.51 -5.37
C VAL B 251 -18.79 0.15 -6.30
N LEU B 252 -18.50 -0.63 -7.34
CA LEU B 252 -19.50 -1.07 -8.29
C LEU B 252 -20.49 -2.03 -7.63
N SER B 253 -19.99 -2.81 -6.67
CA SER B 253 -20.85 -3.74 -5.93
C SER B 253 -21.84 -2.98 -5.06
N THR B 254 -21.40 -1.83 -4.54
CA THR B 254 -22.27 -0.98 -3.73
C THR B 254 -23.43 -0.45 -4.56
N ILE B 255 -23.13 -0.08 -5.81
CA ILE B 255 -24.14 0.40 -6.74
C ILE B 255 -25.18 -0.69 -6.99
N SER B 256 -24.71 -1.91 -7.18
CA SER B 256 -25.60 -3.05 -7.44
C SER B 256 -26.47 -3.36 -6.23
N ARG B 257 -25.90 -3.21 -5.04
CA ARG B 257 -26.58 -3.59 -3.81
C ARG B 257 -27.62 -2.58 -3.35
N PHE B 258 -27.30 -1.29 -3.45
CA PHE B 258 -28.17 -0.25 -2.91
C PHE B 258 -28.96 0.54 -3.96
N LYS B 259 -28.56 0.35 -5.19
CA LYS B 259 -29.32 0.81 -6.28
C LYS B 259 -29.47 2.33 -6.36
N PRO B 260 -28.40 3.08 -6.38
CA PRO B 260 -28.51 4.54 -6.45
C PRO B 260 -28.88 4.99 -7.86
N THR B 261 -29.50 6.16 -7.98
CA THR B 261 -29.83 6.71 -9.29
C THR B 261 -28.79 7.74 -9.71
N ILE B 262 -28.04 8.25 -8.73
CA ILE B 262 -26.99 9.22 -8.99
C ILE B 262 -25.66 8.72 -8.43
N PHE B 263 -24.61 8.80 -9.25
CA PHE B 263 -23.30 8.32 -8.85
C PHE B 263 -22.22 9.38 -9.06
N TYR B 264 -21.47 9.68 -8.00
CA TYR B 264 -20.39 10.66 -8.05
C TYR B 264 -19.04 9.96 -7.97
N ASN B 265 -18.08 10.43 -8.77
CA ASN B 265 -16.74 9.85 -8.76
C ASN B 265 -15.73 10.79 -9.41
N ALA B 266 -14.45 10.44 -9.31
CA ALA B 266 -13.39 11.21 -9.95
C ALA B 266 -12.96 10.49 -11.22
N PRO B 267 -12.39 11.23 -12.18
CA PRO B 267 -11.88 10.63 -13.42
C PRO B 267 -10.99 9.40 -13.18
N THR B 268 -10.16 9.44 -12.14
CA THR B 268 -9.32 8.30 -11.81
C THR B 268 -10.17 7.13 -11.30
N GLY B 269 -11.33 7.45 -10.73
CA GLY B 269 -12.23 6.44 -10.22
C GLY B 269 -12.99 5.73 -11.33
N TYR B 270 -13.44 6.50 -12.33
CA TYR B 270 -14.13 5.94 -13.47
C TYR B 270 -13.20 5.06 -14.31
N ALA B 271 -11.98 5.53 -14.51
CA ALA B 271 -10.98 4.80 -15.28
C ALA B 271 -10.63 3.48 -14.60
N ALA B 272 -10.54 3.52 -13.27
CA ALA B 272 -10.24 2.32 -12.49
C ALA B 272 -11.35 1.31 -12.60
N ALA B 273 -12.60 1.78 -12.62
CA ALA B 273 -13.76 0.92 -12.73
C ALA B 273 -13.82 0.25 -14.09
N LEU B 274 -13.63 1.03 -15.14
CA LEU B 274 -13.66 0.53 -16.50
C LEU B 274 -12.50 -0.43 -16.77
N ALA B 275 -11.44 -0.32 -15.99
CA ALA B 275 -10.26 -1.16 -16.16
C ALA B 275 -10.44 -2.54 -15.54
N LEU B 276 -11.55 -2.71 -14.79
CA LEU B 276 -11.84 -4.00 -14.18
C LEU B 276 -12.15 -5.05 -15.25
N LYS B 277 -11.61 -6.25 -15.06
CA LYS B 277 -11.77 -7.33 -16.02
C LYS B 277 -13.23 -7.80 -16.10
N ASP B 278 -13.93 -7.69 -14.98
CA ASP B 278 -15.31 -8.14 -14.90
C ASP B 278 -16.27 -6.97 -14.68
N PHE B 279 -16.05 -5.88 -15.41
CA PHE B 279 -16.88 -4.69 -15.29
C PHE B 279 -18.34 -4.95 -15.67
N SER B 280 -18.54 -5.74 -16.70
CA SER B 280 -19.88 -5.98 -17.24
C SER B 280 -20.76 -6.83 -16.33
N GLN B 281 -20.13 -7.56 -15.41
CA GLN B 281 -20.87 -8.46 -14.53
C GLN B 281 -21.57 -7.71 -13.39
N HIS B 282 -21.25 -6.43 -13.25
CA HIS B 282 -21.90 -5.60 -12.23
C HIS B 282 -23.19 -4.99 -12.77
N ASP B 283 -24.22 -4.98 -11.94
CA ASP B 283 -25.50 -4.40 -12.32
C ASP B 283 -25.53 -2.91 -12.02
N LEU B 284 -25.47 -2.10 -13.08
CA LEU B 284 -25.43 -0.64 -12.93
C LEU B 284 -26.67 0.00 -13.55
N SER B 285 -27.71 -0.81 -13.75
CA SER B 285 -28.90 -0.36 -14.46
C SER B 285 -29.73 0.68 -13.69
N SER B 286 -29.51 0.77 -12.38
CA SER B 286 -30.26 1.71 -11.55
C SER B 286 -29.84 3.15 -11.79
N LEU B 287 -28.63 3.35 -12.31
CA LEU B 287 -28.09 4.68 -12.54
C LEU B 287 -28.78 5.39 -13.71
N ARG B 288 -29.10 6.67 -13.51
CA ARG B 288 -29.68 7.49 -14.57
C ARG B 288 -28.73 8.65 -14.90
N LEU B 289 -27.90 9.02 -13.94
CA LEU B 289 -26.91 10.08 -14.14
C LEU B 289 -25.65 9.79 -13.34
N CYS B 290 -24.51 10.17 -13.90
CA CYS B 290 -23.24 10.09 -13.20
C CYS B 290 -22.59 11.48 -13.15
N VAL B 291 -21.86 11.76 -12.07
CA VAL B 291 -21.22 13.05 -11.90
C VAL B 291 -19.72 12.89 -11.67
N SER B 292 -18.93 13.73 -12.34
CA SER B 292 -17.47 13.69 -12.18
C SER B 292 -16.92 15.07 -11.83
N ALA B 293 -16.02 15.09 -10.85
CA ALA B 293 -15.35 16.34 -10.46
C ALA B 293 -14.05 15.94 -9.78
N SER B 294 -13.37 16.91 -9.19
CA SER B 294 -12.05 16.69 -8.62
C SER B 294 -11.01 17.07 -9.68
N GLU B 295 -11.07 16.39 -10.82
CA GLU B 295 -10.24 16.72 -11.98
C GLU B 295 -11.07 16.67 -13.27
N ALA B 296 -10.49 17.18 -14.35
CA ALA B 296 -11.19 17.24 -15.63
C ALA B 296 -11.34 15.85 -16.24
N LEU B 297 -12.58 15.45 -16.50
CA LEU B 297 -12.86 14.17 -17.12
C LEU B 297 -12.56 14.22 -18.62
N PRO B 298 -11.58 13.42 -19.07
CA PRO B 298 -11.22 13.38 -20.49
C PRO B 298 -12.37 12.83 -21.32
N ALA B 299 -12.44 13.26 -22.58
CA ALA B 299 -13.52 12.86 -23.49
C ALA B 299 -13.55 11.34 -23.70
N ALA B 300 -12.38 10.72 -23.74
CA ALA B 300 -12.27 9.29 -23.95
C ALA B 300 -12.97 8.51 -22.84
N LEU B 301 -12.78 8.94 -21.61
CA LEU B 301 -13.42 8.30 -20.46
C LEU B 301 -14.94 8.47 -20.48
N TRP B 302 -15.39 9.62 -20.98
CA TRP B 302 -16.82 9.89 -21.07
C TRP B 302 -17.47 8.92 -22.05
N TYR B 303 -16.86 8.76 -23.22
CA TYR B 303 -17.39 7.86 -24.25
C TYR B 303 -17.24 6.40 -23.84
N ALA B 304 -16.15 6.08 -23.16
CA ALA B 304 -15.91 4.72 -22.70
C ALA B 304 -16.97 4.31 -21.68
N TRP B 305 -17.24 5.20 -20.74
CA TRP B 305 -18.26 4.96 -19.72
C TRP B 305 -19.64 4.90 -20.34
N LYS B 306 -19.85 5.73 -21.37
CA LYS B 306 -21.13 5.79 -22.07
C LYS B 306 -21.40 4.50 -22.84
N GLU B 307 -20.35 3.94 -23.44
CA GLU B 307 -20.48 2.71 -24.21
C GLU B 307 -20.60 1.50 -23.29
N ALA B 308 -20.02 1.60 -22.10
CA ALA B 308 -19.99 0.49 -21.16
C ALA B 308 -21.23 0.42 -20.28
N THR B 309 -21.80 1.57 -19.97
CA THR B 309 -22.94 1.63 -19.06
C THR B 309 -24.21 2.15 -19.73
N GLY B 310 -24.06 3.13 -20.61
CA GLY B 310 -25.20 3.72 -21.29
C GLY B 310 -25.70 4.99 -20.62
N VAL B 311 -25.08 5.34 -19.50
CA VAL B 311 -25.48 6.53 -18.75
C VAL B 311 -24.47 7.67 -18.90
N ASP B 312 -24.98 8.89 -19.04
CA ASP B 312 -24.13 10.06 -19.21
C ASP B 312 -23.38 10.43 -17.93
N ILE B 313 -22.21 11.05 -18.09
CA ILE B 313 -21.49 11.61 -16.97
C ILE B 313 -21.60 13.14 -16.99
N ILE B 314 -21.98 13.72 -15.86
CA ILE B 314 -22.04 15.17 -15.74
C ILE B 314 -20.75 15.70 -15.10
N ASP B 315 -19.88 16.25 -15.93
CA ASP B 315 -18.62 16.82 -15.44
C ASP B 315 -18.82 18.28 -15.05
N GLY B 316 -18.36 18.63 -13.85
CA GLY B 316 -18.45 19.99 -13.36
C GLY B 316 -17.34 20.30 -12.38
N ILE B 317 -16.78 21.51 -12.49
CA ILE B 317 -15.71 21.92 -11.60
C ILE B 317 -16.23 22.67 -10.37
N GLY B 318 -15.70 22.31 -9.21
CA GLY B 318 -16.00 23.01 -7.98
C GLY B 318 -14.76 23.10 -7.11
N CYS B 319 -14.87 23.84 -6.01
CA CYS B 319 -13.78 23.92 -5.04
C CYS B 319 -14.35 24.08 -3.64
N THR B 320 -13.55 23.72 -2.64
CA THR B 320 -13.99 23.80 -1.25
C THR B 320 -14.29 25.24 -0.84
N GLU B 321 -13.55 26.18 -1.42
CA GLU B 321 -13.79 27.61 -1.17
C GLU B 321 -15.18 28.02 -1.60
N ASN B 322 -15.71 27.36 -2.62
CA ASN B 322 -17.05 27.64 -3.14
C ASN B 322 -18.05 26.60 -2.65
N PHE B 323 -17.57 25.63 -1.89
CA PHE B 323 -18.41 24.55 -1.39
C PHE B 323 -18.66 23.50 -2.46
N HIS B 324 -19.24 23.91 -3.57
CA HIS B 324 -19.54 23.00 -4.68
C HIS B 324 -19.36 23.57 -6.08
N ILE B 325 -19.87 22.85 -7.07
CA ILE B 325 -19.64 23.13 -8.49
C ILE B 325 -20.17 24.50 -8.93
N PHE B 326 -19.36 25.20 -9.72
CA PHE B 326 -19.75 26.52 -10.24
C PHE B 326 -19.78 26.57 -11.77
N ILE B 327 -19.13 25.61 -12.41
CA ILE B 327 -19.22 25.43 -13.86
C ILE B 327 -19.54 23.97 -14.13
N SER B 328 -20.68 23.70 -14.75
CA SER B 328 -21.13 22.33 -14.91
C SER B 328 -21.80 22.03 -16.25
N ASN B 329 -21.67 20.79 -16.69
CA ASN B 329 -22.46 20.30 -17.81
C ASN B 329 -23.89 20.05 -17.34
N ARG B 330 -24.79 19.86 -18.29
CA ARG B 330 -26.20 19.68 -17.96
C ARG B 330 -26.72 18.37 -18.55
N PRO B 331 -27.72 17.75 -17.90
CA PRO B 331 -28.34 16.52 -18.41
C PRO B 331 -28.83 16.67 -19.86
N GLY B 332 -29.20 17.88 -20.26
CA GLY B 332 -29.64 18.13 -21.62
C GLY B 332 -28.61 18.88 -22.45
N ASP B 333 -27.40 19.02 -21.91
CA ASP B 333 -26.32 19.73 -22.60
C ASP B 333 -24.95 19.26 -22.14
N ILE B 334 -24.34 18.36 -22.91
CA ILE B 334 -23.04 17.79 -22.54
C ILE B 334 -21.99 17.92 -23.65
N ARG B 335 -20.85 18.49 -23.29
CA ARG B 335 -19.68 18.45 -24.16
C ARG B 335 -18.54 17.73 -23.45
N PRO B 336 -18.24 16.50 -23.90
CA PRO B 336 -17.22 15.64 -23.29
C PRO B 336 -15.84 16.31 -23.27
N GLY B 337 -15.21 16.33 -22.10
CA GLY B 337 -13.89 16.91 -21.95
C GLY B 337 -13.90 18.29 -21.32
N SER B 338 -15.03 18.99 -21.45
CA SER B 338 -15.16 20.34 -20.90
C SER B 338 -15.83 20.34 -19.55
N SER B 339 -15.74 21.45 -18.83
CA SER B 339 -16.41 21.61 -17.55
C SER B 339 -17.84 22.07 -17.75
N GLY B 340 -18.24 22.28 -19.00
CA GLY B 340 -19.59 22.72 -19.31
C GLY B 340 -19.72 24.23 -19.34
N LYS B 341 -20.84 24.72 -18.81
CA LYS B 341 -21.12 26.15 -18.79
C LYS B 341 -21.42 26.64 -17.37
N PRO B 342 -21.22 27.95 -17.12
CA PRO B 342 -21.44 28.51 -15.78
C PRO B 342 -22.82 28.21 -15.20
N VAL B 343 -22.87 27.94 -13.90
CA VAL B 343 -24.13 27.71 -13.21
C VAL B 343 -24.79 29.06 -12.92
N GLU B 344 -26.06 29.17 -13.28
CA GLU B 344 -26.80 30.42 -13.06
C GLU B 344 -26.83 30.79 -11.59
N GLY B 345 -26.43 32.02 -11.29
CA GLY B 345 -26.25 32.46 -9.92
C GLY B 345 -24.78 32.71 -9.66
N TYR B 346 -23.95 32.10 -10.50
CA TYR B 346 -22.51 32.29 -10.46
C TYR B 346 -22.07 33.07 -11.70
N GLU B 347 -21.03 33.89 -11.56
CA GLU B 347 -20.49 34.63 -12.69
C GLU B 347 -19.01 34.33 -12.88
N LEU B 348 -18.63 34.02 -14.11
CA LEU B 348 -17.25 33.65 -14.41
C LEU B 348 -16.52 34.71 -15.22
N LYS B 349 -15.21 34.80 -15.01
CA LYS B 349 -14.37 35.74 -15.74
C LYS B 349 -12.98 35.15 -15.90
N LEU B 350 -12.39 35.35 -17.07
CA LEU B 350 -11.03 34.87 -17.33
C LEU B 350 -10.08 36.05 -17.53
N VAL B 351 -9.07 36.14 -16.69
CA VAL B 351 -8.13 37.27 -16.73
C VAL B 351 -6.68 36.84 -16.82
N ASP B 352 -5.84 37.73 -17.34
CA ASP B 352 -4.40 37.48 -17.41
C ASP B 352 -3.75 37.72 -16.03
N ASP B 353 -2.43 37.72 -16.00
CA ASP B 353 -1.70 37.89 -14.75
C ASP B 353 -1.73 39.34 -14.25
N GLU B 354 -2.42 40.20 -14.98
CA GLU B 354 -2.56 41.60 -14.60
C GLU B 354 -4.01 41.95 -14.25
N GLY B 355 -4.86 40.91 -14.20
CA GLY B 355 -6.25 41.10 -13.83
C GLY B 355 -7.13 41.57 -14.98
N LYS B 356 -6.53 41.72 -16.16
CA LYS B 356 -7.26 42.16 -17.33
C LYS B 356 -7.93 40.99 -18.04
N THR B 357 -9.22 41.16 -18.36
CA THR B 357 -9.99 40.11 -19.01
C THR B 357 -9.41 39.70 -20.36
N VAL B 358 -9.09 38.42 -20.50
CA VAL B 358 -8.48 37.90 -21.71
C VAL B 358 -9.48 37.88 -22.87
N PRO B 359 -8.97 37.95 -24.11
CA PRO B 359 -9.82 37.81 -25.30
C PRO B 359 -10.50 36.44 -25.32
N ALA B 360 -11.63 36.34 -26.01
CA ALA B 360 -12.38 35.10 -26.07
C ALA B 360 -11.59 33.98 -26.73
N GLY B 361 -11.55 32.82 -26.07
CA GLY B 361 -10.87 31.66 -26.61
C GLY B 361 -9.47 31.46 -26.07
N GLU B 362 -8.92 32.51 -25.47
CA GLU B 362 -7.56 32.46 -24.92
C GLU B 362 -7.54 32.00 -23.47
N ILE B 363 -6.43 31.42 -23.05
CA ILE B 363 -6.28 30.90 -21.70
C ILE B 363 -6.09 32.02 -20.69
N GLY B 364 -6.84 31.97 -19.59
CA GLY B 364 -6.73 32.97 -18.54
C GLY B 364 -7.03 32.41 -17.16
N ASN B 365 -6.73 33.19 -16.14
CA ASN B 365 -6.98 32.79 -14.76
C ASN B 365 -8.47 32.88 -14.40
N VAL B 366 -8.94 31.95 -13.59
CA VAL B 366 -10.36 31.88 -13.23
C VAL B 366 -10.71 32.74 -12.03
N LEU B 367 -11.64 33.67 -12.24
CA LEU B 367 -12.22 34.44 -11.15
C LEU B 367 -13.70 34.11 -11.02
N LEU B 368 -14.11 33.70 -9.82
CA LEU B 368 -15.49 33.28 -9.59
C LEU B 368 -16.25 34.27 -8.72
N ARG B 369 -17.43 34.67 -9.20
CA ARG B 369 -18.31 35.56 -8.44
C ARG B 369 -19.47 34.75 -7.86
N SER B 370 -19.41 34.50 -6.55
CA SER B 370 -20.34 33.58 -5.92
C SER B 370 -20.85 34.06 -4.55
N GLU B 371 -22.08 33.69 -4.22
CA GLU B 371 -22.64 33.99 -2.92
C GLU B 371 -22.48 32.81 -1.96
N THR B 372 -21.83 31.76 -2.43
CA THR B 372 -21.61 30.58 -1.60
C THR B 372 -20.13 30.42 -1.26
N ALA B 373 -19.32 31.38 -1.72
CA ALA B 373 -17.89 31.37 -1.44
C ALA B 373 -17.61 31.79 0.00
N ALA B 374 -16.52 31.30 0.56
CA ALA B 374 -16.11 31.68 1.90
C ALA B 374 -15.67 33.14 1.91
N LEU B 375 -15.60 33.72 3.10
CA LEU B 375 -15.17 35.11 3.24
C LEU B 375 -13.65 35.17 3.27
N SER B 376 -13.04 34.19 3.91
CA SER B 376 -11.59 34.11 4.03
C SER B 376 -11.19 32.72 4.51
N TYR B 377 -9.89 32.47 4.62
CA TYR B 377 -9.40 31.23 5.21
C TYR B 377 -9.38 31.38 6.72
N TRP B 378 -9.12 30.29 7.42
CA TRP B 378 -8.96 30.34 8.87
C TRP B 378 -7.48 30.34 9.23
N HIS B 379 -7.06 31.38 9.95
CA HIS B 379 -5.66 31.56 10.33
C HIS B 379 -4.72 31.60 9.13
N ASN B 380 -5.10 32.39 8.12
CA ASN B 380 -4.28 32.59 6.93
C ASN B 380 -4.54 33.97 6.33
N PHE B 381 -4.11 35.01 7.05
CA PHE B 381 -4.36 36.38 6.66
C PHE B 381 -3.81 36.71 5.27
N GLU B 382 -2.59 36.27 5.01
CA GLU B 382 -1.92 36.56 3.74
C GLU B 382 -2.63 35.93 2.54
N LYS B 383 -2.93 34.63 2.65
CA LYS B 383 -3.54 33.90 1.55
C LYS B 383 -5.00 34.28 1.31
N SER B 384 -5.69 34.68 2.38
CA SER B 384 -7.09 35.09 2.26
C SER B 384 -7.23 36.31 1.38
N ARG B 385 -6.24 37.19 1.43
CA ARG B 385 -6.27 38.43 0.65
C ARG B 385 -5.71 38.21 -0.75
N GLN B 386 -5.15 37.03 -0.99
CA GLN B 386 -4.65 36.67 -2.30
C GLN B 386 -5.69 35.85 -3.06
N THR B 387 -6.58 35.20 -2.32
CA THR B 387 -7.57 34.31 -2.92
C THR B 387 -8.93 34.97 -3.04
N PHE B 388 -9.43 35.53 -1.93
CA PHE B 388 -10.74 36.15 -1.92
C PHE B 388 -10.64 37.64 -2.26
N GLN B 389 -10.74 37.94 -3.55
CA GLN B 389 -10.54 39.29 -4.04
C GLN B 389 -11.86 40.03 -4.20
N GLY B 390 -12.45 40.42 -3.08
CA GLY B 390 -13.73 41.12 -3.10
C GLY B 390 -14.87 40.21 -3.53
N GLU B 391 -15.56 40.60 -4.60
CA GLU B 391 -16.69 39.82 -5.10
C GLU B 391 -16.20 38.68 -5.99
N TRP B 392 -14.89 38.56 -6.17
CA TRP B 392 -14.32 37.54 -7.03
C TRP B 392 -13.44 36.55 -6.27
N LEU B 393 -13.48 35.30 -6.68
CA LEU B 393 -12.69 34.24 -6.07
C LEU B 393 -11.70 33.66 -7.05
N ALA B 394 -10.41 33.77 -6.72
CA ALA B 394 -9.36 33.18 -7.55
C ALA B 394 -9.20 31.69 -7.22
N THR B 395 -9.52 30.84 -8.18
CA THR B 395 -9.49 29.39 -7.95
C THR B 395 -8.12 28.79 -8.27
N GLY B 396 -7.24 29.58 -8.85
CA GLY B 396 -5.90 29.13 -9.19
C GLY B 396 -5.88 28.18 -10.38
N ASP B 397 -6.90 28.30 -11.24
CA ASP B 397 -7.01 27.45 -12.42
C ASP B 397 -6.87 28.23 -13.71
N LYS B 398 -6.26 27.60 -14.71
CA LYS B 398 -6.19 28.16 -16.05
C LYS B 398 -7.30 27.52 -16.91
N TYR B 399 -8.14 28.37 -17.49
CA TYR B 399 -9.26 27.90 -18.29
C TYR B 399 -9.33 28.63 -19.62
N PHE B 400 -9.97 28.00 -20.60
CA PHE B 400 -10.33 28.70 -21.83
C PHE B 400 -11.74 28.31 -22.27
N VAL B 401 -12.36 29.17 -23.06
CA VAL B 401 -13.71 28.94 -23.53
C VAL B 401 -13.70 28.71 -25.04
N ASP B 402 -14.26 27.59 -25.48
CA ASP B 402 -14.32 27.32 -26.91
C ASP B 402 -15.35 28.21 -27.60
N ALA B 403 -15.45 28.07 -28.92
CA ALA B 403 -16.33 28.92 -29.72
C ALA B 403 -17.80 28.78 -29.33
N ASP B 404 -18.17 27.62 -28.82
CA ASP B 404 -19.57 27.36 -28.47
C ASP B 404 -19.93 27.77 -27.04
N GLY B 405 -18.95 28.29 -26.31
CA GLY B 405 -19.19 28.81 -24.98
C GLY B 405 -18.93 27.82 -23.85
N TYR B 406 -18.28 26.71 -24.17
CA TYR B 406 -17.95 25.69 -23.16
C TYR B 406 -16.57 25.94 -22.56
N TYR B 407 -16.47 25.79 -21.25
CA TYR B 407 -15.22 26.01 -20.53
C TYR B 407 -14.36 24.75 -20.47
N TRP B 408 -13.10 24.89 -20.88
CA TRP B 408 -12.16 23.77 -20.84
C TRP B 408 -11.02 24.02 -19.85
N HIS B 409 -10.76 23.04 -19.01
CA HIS B 409 -9.71 23.15 -18.00
C HIS B 409 -8.34 22.92 -18.60
N ALA B 410 -7.53 23.98 -18.63
CA ALA B 410 -6.15 23.86 -19.10
C ALA B 410 -5.29 23.21 -18.03
N GLY B 411 -5.67 23.41 -16.78
CA GLY B 411 -4.95 22.82 -15.66
C GLY B 411 -4.73 23.84 -14.55
N ARG B 412 -4.24 23.37 -13.41
CA ARG B 412 -3.82 24.26 -12.33
C ARG B 412 -2.72 25.16 -12.87
N SER B 413 -2.67 26.39 -12.38
CA SER B 413 -1.62 27.32 -12.80
C SER B 413 -0.24 26.75 -12.50
N ASP B 414 -0.12 26.07 -11.38
CA ASP B 414 1.14 25.45 -10.97
C ASP B 414 1.48 24.22 -11.82
N ASP B 415 0.51 23.74 -12.59
CA ASP B 415 0.72 22.56 -13.43
C ASP B 415 0.94 22.92 -14.89
N MET B 416 0.76 24.20 -15.22
CA MET B 416 0.88 24.68 -16.59
C MET B 416 2.32 24.68 -17.08
N LEU B 417 2.54 24.11 -18.26
CA LEU B 417 3.88 24.03 -18.83
C LEU B 417 4.18 25.19 -19.78
N LYS B 418 5.45 25.59 -19.83
CA LYS B 418 5.90 26.60 -20.78
C LYS B 418 6.96 26.03 -21.71
N VAL B 419 6.55 25.69 -22.94
CA VAL B 419 7.47 25.11 -23.91
C VAL B 419 7.68 26.06 -25.08
N GLY B 420 8.81 26.76 -25.08
CA GLY B 420 9.16 27.67 -26.15
C GLY B 420 8.27 28.90 -26.21
N GLY B 421 7.94 29.44 -25.04
CA GLY B 421 7.13 30.65 -24.97
C GLY B 421 5.64 30.42 -25.13
N ILE B 422 5.25 29.17 -25.35
CA ILE B 422 3.84 28.83 -25.53
C ILE B 422 3.33 28.00 -24.35
N TRP B 423 2.13 28.34 -23.87
CA TRP B 423 1.47 27.55 -22.83
C TRP B 423 1.21 26.13 -23.32
N VAL B 424 1.54 25.15 -22.48
CA VAL B 424 1.23 23.76 -22.78
C VAL B 424 0.33 23.18 -21.68
N SER B 425 -0.88 22.81 -22.06
CA SER B 425 -1.85 22.29 -21.11
C SER B 425 -1.58 20.83 -20.77
N PRO B 426 -1.29 20.54 -19.49
CA PRO B 426 -1.10 19.17 -19.04
C PRO B 426 -2.38 18.35 -19.19
N VAL B 427 -3.53 18.98 -18.97
CA VAL B 427 -4.82 18.32 -19.10
C VAL B 427 -5.02 17.81 -20.53
N GLU B 428 -4.70 18.67 -21.49
CA GLU B 428 -4.84 18.34 -22.90
C GLU B 428 -3.94 17.17 -23.30
N VAL B 429 -2.69 17.20 -22.85
CA VAL B 429 -1.73 16.15 -23.17
C VAL B 429 -2.11 14.84 -22.49
N GLU B 430 -2.61 14.92 -21.26
CA GLU B 430 -3.09 13.75 -20.55
C GLU B 430 -4.35 13.20 -21.22
N SER B 431 -5.16 14.10 -21.76
CA SER B 431 -6.39 13.72 -22.45
C SER B 431 -6.08 12.95 -23.72
N THR B 432 -4.99 13.33 -24.39
CA THR B 432 -4.58 12.67 -25.61
C THR B 432 -3.97 11.30 -25.32
N LEU B 433 -3.16 11.24 -24.27
CA LEU B 433 -2.48 10.01 -23.87
C LEU B 433 -3.46 8.91 -23.47
N ILE B 434 -4.53 9.29 -22.78
CA ILE B 434 -5.49 8.31 -22.28
C ILE B 434 -6.34 7.73 -23.41
N GLN B 435 -6.32 8.38 -24.57
CA GLN B 435 -7.04 7.89 -25.73
C GLN B 435 -6.46 6.57 -26.23
N HIS B 436 -5.18 6.35 -25.95
CA HIS B 436 -4.54 5.09 -26.28
C HIS B 436 -5.15 3.98 -25.43
N PRO B 437 -5.53 2.87 -26.06
CA PRO B 437 -6.22 1.75 -25.38
C PRO B 437 -5.39 1.09 -24.29
N ALA B 438 -4.08 1.30 -24.31
CA ALA B 438 -3.20 0.70 -23.32
C ALA B 438 -3.10 1.55 -22.05
N VAL B 439 -3.26 2.86 -22.20
CA VAL B 439 -3.15 3.78 -21.08
C VAL B 439 -4.41 3.79 -20.22
N GLN B 440 -4.25 3.56 -18.92
CA GLN B 440 -5.36 3.63 -17.99
C GLN B 440 -5.54 5.07 -17.50
N GLU B 441 -4.48 5.62 -16.92
CA GLU B 441 -4.45 7.03 -16.52
C GLU B 441 -3.02 7.53 -16.59
N CYS B 442 -2.85 8.84 -16.57
CA CYS B 442 -1.52 9.43 -16.70
C CYS B 442 -1.42 10.83 -16.14
N ALA B 443 -0.20 11.32 -16.03
CA ALA B 443 0.05 12.68 -15.56
C ALA B 443 1.22 13.29 -16.32
N VAL B 444 1.08 14.56 -16.69
CA VAL B 444 2.13 15.26 -17.44
C VAL B 444 2.63 16.47 -16.68
N ILE B 445 3.94 16.54 -16.47
CA ILE B 445 4.55 17.67 -15.78
C ILE B 445 5.60 18.35 -16.65
N GLY B 446 6.15 19.45 -16.15
CA GLY B 446 7.22 20.15 -16.83
C GLY B 446 8.58 19.76 -16.28
N CYS B 447 9.50 19.42 -17.18
CA CYS B 447 10.83 18.96 -16.78
C CYS B 447 11.89 19.54 -17.71
N PRO B 448 12.96 20.13 -17.12
CA PRO B 448 14.05 20.75 -17.90
C PRO B 448 14.91 19.71 -18.62
N ASP B 449 15.38 20.01 -19.82
CA ASP B 449 16.22 19.07 -20.54
C ASP B 449 17.71 19.42 -20.41
N LEU B 453 15.65 24.09 -20.71
CA LEU B 453 14.41 24.16 -21.47
C LEU B 453 13.38 23.15 -20.95
N ILE B 454 12.21 23.65 -20.55
CA ILE B 454 11.15 22.80 -20.04
C ILE B 454 10.46 22.03 -21.17
N LYS B 455 10.35 20.72 -21.00
CA LYS B 455 9.67 19.85 -21.96
C LYS B 455 8.73 18.90 -21.22
N PRO B 456 7.62 18.50 -21.87
CA PRO B 456 6.65 17.61 -21.23
C PRO B 456 7.20 16.23 -20.89
N LYS B 457 7.02 15.83 -19.64
CA LYS B 457 7.34 14.48 -19.19
C LYS B 457 6.04 13.78 -18.81
N ALA B 458 5.86 12.56 -19.31
CA ALA B 458 4.60 11.85 -19.10
C ALA B 458 4.77 10.59 -18.25
N PHE B 459 4.09 10.57 -17.10
CA PHE B 459 4.03 9.40 -16.26
C PHE B 459 2.75 8.64 -16.58
N ILE B 460 2.89 7.37 -16.95
CA ILE B 460 1.74 6.60 -17.44
C ILE B 460 1.45 5.34 -16.61
N ILE B 461 0.19 5.21 -16.19
CA ILE B 461 -0.28 3.99 -15.56
C ILE B 461 -0.90 3.08 -16.61
N LEU B 462 -0.27 1.96 -16.87
CA LEU B 462 -0.76 1.01 -17.86
C LEU B 462 -1.97 0.25 -17.35
N LYS B 463 -2.81 -0.13 -18.26
CA LYS B 463 -3.86 -1.02 -17.88
C LYS B 463 -3.28 -2.38 -17.61
N PRO B 464 -4.19 -3.20 -16.95
CA PRO B 464 -3.67 -4.56 -16.69
C PRO B 464 -3.05 -5.23 -17.90
N GLN B 466 -1.48 -5.89 -20.12
CA GLN B 466 -0.68 -4.82 -20.76
C GLN B 466 0.77 -4.71 -20.29
N ILE B 467 1.72 -5.02 -21.15
CA ILE B 467 3.12 -5.09 -20.73
C ILE B 467 3.98 -3.95 -21.22
N PRO B 468 4.69 -3.35 -20.32
CA PRO B 468 5.55 -2.22 -20.70
C PRO B 468 6.59 -2.75 -21.67
N SER B 469 6.53 -2.29 -22.92
CA SER B 469 7.46 -2.74 -23.93
C SER B 469 8.19 -1.51 -24.44
N GLU B 470 9.02 -1.73 -25.46
CA GLU B 470 9.70 -0.64 -26.12
C GLU B 470 8.92 -0.17 -27.35
N ALA B 471 8.29 -1.14 -28.01
CA ALA B 471 7.38 -0.87 -29.12
C ALA B 471 6.08 -0.21 -28.67
N LEU B 472 5.75 -0.38 -27.38
CA LEU B 472 4.55 0.23 -26.82
C LEU B 472 4.75 1.74 -26.68
N ILE B 473 5.94 2.13 -26.23
CA ILE B 473 6.29 3.54 -26.11
C ILE B 473 6.40 4.19 -27.50
N ARG B 474 6.74 3.38 -28.50
CA ARG B 474 6.74 3.81 -29.89
C ARG B 474 5.32 4.17 -30.33
N GLN B 475 4.39 3.24 -30.06
CA GLN B 475 3.00 3.41 -30.41
C GLN B 475 2.44 4.67 -29.75
N ILE B 476 2.80 4.87 -28.49
CA ILE B 476 2.38 6.05 -27.75
C ILE B 476 3.02 7.31 -28.33
N THR B 477 4.29 7.22 -28.68
CA THR B 477 4.99 8.33 -29.32
C THR B 477 4.36 8.63 -30.67
N ASP B 478 4.09 7.58 -31.44
CA ASP B 478 3.44 7.73 -32.74
C ASP B 478 2.02 8.25 -32.56
N HIS B 479 1.39 7.91 -31.43
CA HIS B 479 0.05 8.39 -31.13
C HIS B 479 0.09 9.90 -30.86
N CYS B 480 1.08 10.33 -30.09
CA CYS B 480 1.21 11.74 -29.72
C CYS B 480 1.54 12.64 -30.90
N THR B 481 2.33 12.13 -31.84
CA THR B 481 2.73 12.90 -33.00
C THR B 481 1.60 13.00 -34.03
N GLU B 482 0.59 12.15 -33.88
CA GLU B 482 -0.56 12.15 -34.79
C GLU B 482 -1.68 13.08 -34.32
N LYS B 483 -1.77 13.30 -33.01
CA LYS B 483 -2.87 14.07 -32.44
C LYS B 483 -2.48 15.47 -31.97
N MET B 484 -1.19 15.68 -31.72
CA MET B 484 -0.74 16.96 -31.17
C MET B 484 0.39 17.59 -31.98
N ALA B 485 0.53 18.90 -31.83
CA ALA B 485 1.65 19.63 -32.44
C ALA B 485 2.95 19.23 -31.75
N ALA B 486 4.07 19.52 -32.41
CA ALA B 486 5.38 19.08 -31.92
C ALA B 486 5.74 19.60 -30.54
N TYR B 487 5.28 20.81 -30.20
CA TYR B 487 5.65 21.42 -28.93
C TYR B 487 4.87 20.85 -27.74
N LYS B 488 3.71 20.26 -28.03
CA LYS B 488 2.88 19.67 -26.99
C LYS B 488 3.34 18.25 -26.65
N ARG B 489 4.07 17.63 -27.57
CA ARG B 489 4.48 16.24 -27.43
C ARG B 489 5.50 16.04 -26.33
N PRO B 490 5.32 14.98 -25.53
CA PRO B 490 6.27 14.63 -24.47
C PRO B 490 7.53 14.01 -25.05
N ARG B 491 8.68 14.29 -24.45
CA ARG B 491 9.94 13.67 -24.89
C ARG B 491 10.44 12.67 -23.87
N TRP B 492 9.76 12.61 -22.73
CA TRP B 492 10.03 11.57 -21.74
C TRP B 492 8.73 10.86 -21.38
N ILE B 493 8.63 9.60 -21.79
CA ILE B 493 7.47 8.78 -21.45
C ILE B 493 7.90 7.67 -20.51
N GLU B 494 7.57 7.82 -19.23
CA GLU B 494 7.95 6.84 -18.22
C GLU B 494 6.75 6.06 -17.69
N PHE B 495 6.88 4.75 -17.65
CA PHE B 495 5.84 3.89 -17.09
C PHE B 495 6.06 3.70 -15.60
N VAL B 496 5.00 3.91 -14.82
CA VAL B 496 5.09 3.81 -13.37
C VAL B 496 4.03 2.86 -12.82
N THR B 497 4.31 2.27 -11.67
CA THR B 497 3.38 1.34 -11.03
C THR B 497 2.24 2.11 -10.39
N GLU B 498 2.58 3.21 -9.71
CA GLU B 498 1.60 4.04 -9.02
C GLU B 498 1.82 5.52 -9.30
N LEU B 499 0.76 6.30 -9.08
CA LEU B 499 0.87 7.76 -9.14
C LEU B 499 0.55 8.33 -7.76
N PRO B 500 1.26 9.40 -7.37
CA PRO B 500 0.96 10.06 -6.10
C PRO B 500 -0.40 10.73 -6.16
N LYS B 501 -1.31 10.35 -5.27
CA LYS B 501 -2.66 10.91 -5.30
C LYS B 501 -3.24 11.17 -3.92
N THR B 502 -4.20 12.09 -3.86
CA THR B 502 -4.84 12.48 -2.61
C THR B 502 -6.00 11.55 -2.29
N ALA B 503 -6.72 11.87 -1.22
CA ALA B 503 -7.92 11.13 -0.86
C ALA B 503 -9.15 11.77 -1.50
N THR B 504 -8.91 12.74 -2.38
CA THR B 504 -9.98 13.46 -3.04
C THR B 504 -9.97 13.21 -4.55
N GLY B 505 -9.22 12.20 -4.98
CA GLY B 505 -9.19 11.80 -6.37
C GLY B 505 -8.36 12.72 -7.26
N LYS B 506 -7.35 13.36 -6.69
CA LYS B 506 -6.47 14.24 -7.45
C LYS B 506 -5.07 13.65 -7.57
N ILE B 507 -4.42 13.89 -8.70
CA ILE B 507 -3.03 13.47 -8.87
C ILE B 507 -2.08 14.56 -8.40
N GLN B 508 -1.25 14.23 -7.41
CA GLN B 508 -0.32 15.18 -6.83
C GLN B 508 0.87 15.43 -7.76
N ARG B 509 0.70 16.37 -8.69
CA ARG B 509 1.74 16.66 -9.68
C ARG B 509 2.90 17.44 -9.10
N PHE B 510 2.65 18.14 -7.99
CA PHE B 510 3.72 18.89 -7.33
C PHE B 510 4.75 17.92 -6.75
N LYS B 511 4.29 16.74 -6.34
CA LYS B 511 5.18 15.70 -5.87
C LYS B 511 6.00 15.12 -7.01
N LEU B 512 5.35 14.95 -8.17
CA LEU B 512 6.03 14.45 -9.35
C LEU B 512 7.14 15.40 -9.78
N ARG B 513 6.93 16.70 -9.58
CA ARG B 513 7.94 17.70 -9.90
C ARG B 513 9.10 17.66 -8.91
N SER B 514 8.77 17.51 -7.63
CA SER B 514 9.80 17.45 -6.58
C SER B 514 10.59 16.15 -6.67
N ALA B 515 9.92 15.07 -7.06
CA ALA B 515 10.57 13.77 -7.18
C ALA B 515 11.50 13.73 -8.39
N ALA B 516 11.06 14.33 -9.49
CA ALA B 516 11.85 14.39 -10.71
C ALA B 516 12.94 15.45 -10.60
N LYS B 517 12.80 16.30 -9.59
CA LYS B 517 13.81 17.33 -9.31
C LYS B 517 14.88 16.74 -8.40
N LEU B 518 14.45 15.93 -7.45
CA LEU B 518 15.36 15.23 -6.55
C LEU B 518 16.19 14.20 -7.32
N ALA B 519 15.54 13.49 -8.22
CA ALA B 519 16.21 12.46 -9.03
C ALA B 519 17.21 13.07 -9.99
N ALA B 520 16.91 14.28 -10.45
CA ALA B 520 17.80 15.00 -11.37
C ALA B 520 19.07 15.43 -10.66
N ALA B 521 18.93 15.80 -9.39
CA ALA B 521 20.08 16.22 -8.58
C ALA B 521 21.00 15.05 -8.30
N LEU B 522 20.41 13.91 -7.94
CA LEU B 522 21.18 12.70 -7.65
C LEU B 522 21.81 12.13 -8.91
#